data_8VWY
#
_entry.id   8VWY
#
_cell.length_a   1.00
_cell.length_b   1.00
_cell.length_c   1.00
_cell.angle_alpha   90.00
_cell.angle_beta   90.00
_cell.angle_gamma   90.00
#
_symmetry.space_group_name_H-M   'P 1'
#
loop_
_entity.id
_entity.type
_entity.pdbx_description
1 polymer 'Adhesion G protein-coupled receptor B3'
2 polymer 'Complement C1q-like protein 3'
3 non-polymer 'CALCIUM ION'
4 water water
#
loop_
_entity_poly.entity_id
_entity_poly.type
_entity_poly.pdbx_seq_one_letter_code
_entity_poly.pdbx_strand_id
1 'polypeptide(L)'
;DFWCSTLVKGVIYGSYSVSEMFPKNFTNCTWTLENPDPTKYSIYLKFSKKDLSCSNFSLLAYQFDHFSHEKIKDLLRKNH
SIMQLCSSKNAFVFLQYDKNFIQIRRVFPTDFPGLQKKVEEDQKSFFEFLVLNKVSPSQFGCHVLCTWLESCLKSENGRT
ESCGIMYTKCTCPQHLGEWGIDDQSLVLLNNVVLPLNEQTEGCLTQELQTTQVCNLTREAKRPPKEEFGMMGDHTIKSQR
PRSVHEKRVPQEQADAAKFMAQTGAAALEVLFQ
;
A,B,C
2 'polypeptide(L)'
;DASHHHHHHSTVPKIAFYAGLKRQHEGYEVLKFDDVVTNLGNHYDPTTGKFTCSIPGIYFFTYHVLMRGGDGTSMWADLC
KNNQVRASAIAQDADQNYDYASNSVVLHLEPGDEVYIKLDGGKAHGGNNNKYSTFSGFIIYAD
;
E,H,I
#
# COMPACT_ATOMS: atom_id res chain seq x y z
N CYS A 4 -20.72 9.64 -35.89
CA CYS A 4 -21.90 9.19 -35.16
C CYS A 4 -21.50 8.47 -33.89
N SER A 5 -21.38 9.20 -32.79
CA SER A 5 -20.91 8.62 -31.52
C SER A 5 -21.53 9.41 -30.37
N THR A 6 -22.49 8.80 -29.69
CA THR A 6 -23.04 9.32 -28.45
C THR A 6 -22.68 8.39 -27.30
N LEU A 7 -22.39 8.99 -26.14
CA LEU A 7 -21.97 8.23 -24.97
C LEU A 7 -22.82 8.64 -23.78
N VAL A 8 -23.44 7.67 -23.13
CA VAL A 8 -24.27 7.92 -21.95
C VAL A 8 -23.37 7.77 -20.73
N LYS A 9 -23.00 8.89 -20.13
CA LYS A 9 -21.93 8.89 -19.14
C LYS A 9 -22.44 8.50 -17.75
N GLY A 10 -23.32 9.30 -17.17
CA GLY A 10 -23.73 9.05 -15.80
C GLY A 10 -25.12 8.48 -15.64
N VAL A 11 -25.20 7.17 -15.44
CA VAL A 11 -26.48 6.48 -15.21
C VAL A 11 -26.22 5.23 -14.39
N ILE A 12 -26.91 5.08 -13.27
CA ILE A 12 -26.87 3.82 -12.55
C ILE A 12 -27.60 2.74 -13.34
N TYR A 13 -28.69 3.12 -13.99
CA TYR A 13 -29.51 2.21 -14.78
C TYR A 13 -29.97 2.95 -16.03
N GLY A 14 -30.28 2.19 -17.06
CA GLY A 14 -30.75 2.77 -18.30
C GLY A 14 -31.35 1.76 -19.25
N SER A 15 -32.54 2.07 -19.77
CA SER A 15 -33.23 1.23 -20.73
C SER A 15 -33.26 1.95 -22.06
N TYR A 16 -32.72 1.31 -23.10
CA TYR A 16 -32.63 1.90 -24.42
C TYR A 16 -33.21 0.92 -25.44
N SER A 17 -34.06 1.43 -26.32
CA SER A 17 -34.50 0.68 -27.48
C SER A 17 -33.47 0.78 -28.59
N VAL A 18 -33.57 -0.13 -29.56
CA VAL A 18 -32.63 -0.12 -30.68
C VAL A 18 -32.74 1.20 -31.44
N SER A 19 -33.97 1.70 -31.60
CA SER A 19 -34.16 2.98 -32.26
C SER A 19 -33.58 4.13 -31.45
N GLU A 20 -33.74 4.08 -30.13
CA GLU A 20 -33.29 5.20 -29.30
C GLU A 20 -31.77 5.28 -29.23
N MET A 21 -31.10 4.14 -29.06
CA MET A 21 -29.65 4.15 -28.95
C MET A 21 -28.95 4.45 -30.28
N PHE A 22 -29.66 4.32 -31.40
CA PHE A 22 -29.14 4.66 -32.72
C PHE A 22 -30.14 5.56 -33.44
N PRO A 23 -30.24 6.82 -33.04
CA PRO A 23 -31.21 7.73 -33.67
C PRO A 23 -30.64 8.45 -34.90
N LYS A 24 -30.12 7.66 -35.85
CA LYS A 24 -29.58 8.19 -37.08
C LYS A 24 -29.97 7.29 -38.25
N ASN A 25 -30.23 7.90 -39.40
CA ASN A 25 -30.57 7.13 -40.59
C ASN A 25 -29.39 6.28 -41.03
N PHE A 26 -28.17 6.80 -40.90
CA PHE A 26 -26.98 6.05 -41.27
C PHE A 26 -26.86 4.80 -40.40
N THR A 27 -26.61 3.66 -41.04
CA THR A 27 -26.52 2.41 -40.32
C THR A 27 -25.23 2.24 -39.53
N ASN A 28 -24.25 3.12 -39.74
CA ASN A 28 -22.96 3.02 -39.06
C ASN A 28 -22.94 4.04 -37.92
N CYS A 29 -23.16 3.55 -36.70
CA CYS A 29 -23.17 4.40 -35.51
C CYS A 29 -22.69 3.58 -34.32
N THR A 30 -22.16 4.27 -33.32
CA THR A 30 -21.68 3.65 -32.10
C THR A 30 -22.40 4.24 -30.89
N TRP A 31 -22.86 3.36 -30.00
CA TRP A 31 -23.45 3.76 -28.74
C TRP A 31 -22.55 3.30 -27.60
N THR A 32 -22.19 4.23 -26.72
CA THR A 32 -21.17 3.99 -25.72
C THR A 32 -21.72 4.25 -24.32
N LEU A 33 -21.20 3.50 -23.35
CA LEU A 33 -21.58 3.63 -21.94
C LEU A 33 -20.31 3.60 -21.10
N GLU A 34 -20.00 4.73 -20.46
CA GLU A 34 -18.77 4.85 -19.70
C GLU A 34 -18.96 4.33 -18.27
N ASN A 35 -18.13 3.38 -17.86
CA ASN A 35 -18.16 2.92 -16.48
C ASN A 35 -17.56 3.98 -15.59
N PRO A 36 -18.31 4.52 -14.62
CA PRO A 36 -17.75 5.62 -13.81
C PRO A 36 -16.50 5.22 -13.04
N ASP A 37 -16.43 4.00 -12.54
CA ASP A 37 -15.26 3.57 -11.79
C ASP A 37 -15.14 2.05 -11.78
N PRO A 38 -14.31 1.47 -12.64
CA PRO A 38 -14.18 0.00 -12.65
C PRO A 38 -13.62 -0.57 -11.36
N THR A 39 -12.87 0.21 -10.58
CA THR A 39 -12.47 -0.26 -9.25
C THR A 39 -13.68 -0.50 -8.36
N LYS A 40 -14.77 0.23 -8.60
CA LYS A 40 -15.94 0.19 -7.75
C LYS A 40 -17.16 -0.44 -8.39
N TYR A 41 -17.32 -0.33 -9.71
CA TYR A 41 -18.55 -0.73 -10.37
C TYR A 41 -18.29 -1.76 -11.47
N SER A 42 -19.26 -2.66 -11.64
CA SER A 42 -19.26 -3.64 -12.71
C SER A 42 -20.56 -3.46 -13.51
N ILE A 43 -20.43 -3.23 -14.80
CA ILE A 43 -21.59 -2.94 -15.65
C ILE A 43 -22.14 -4.25 -16.19
N TYR A 44 -23.43 -4.50 -15.94
CA TYR A 44 -24.12 -5.69 -16.42
C TYR A 44 -25.06 -5.30 -17.55
N LEU A 45 -24.92 -5.98 -18.68
CA LEU A 45 -25.75 -5.69 -19.84
C LEU A 45 -26.81 -6.77 -20.03
N LYS A 46 -27.95 -6.36 -20.59
CA LYS A 46 -29.06 -7.27 -20.85
C LYS A 46 -29.57 -7.02 -22.25
N PHE A 47 -29.72 -8.11 -23.03
CA PHE A 47 -30.14 -8.02 -24.41
C PHE A 47 -31.42 -8.79 -24.64
N SER A 48 -32.37 -8.15 -25.32
CA SER A 48 -33.69 -8.73 -25.61
C SER A 48 -33.80 -8.96 -27.11
N LYS A 49 -34.09 -10.21 -27.50
CA LYS A 49 -34.33 -10.56 -28.89
C LYS A 49 -35.80 -10.83 -29.17
N LYS A 50 -36.71 -10.31 -28.34
CA LYS A 50 -38.13 -10.53 -28.55
C LYS A 50 -38.59 -9.93 -29.87
N ASP A 51 -38.15 -8.72 -30.19
CA ASP A 51 -38.46 -8.07 -31.46
C ASP A 51 -37.19 -7.62 -32.19
N LEU A 52 -36.02 -7.96 -31.68
CA LEU A 52 -34.77 -7.55 -32.33
C LEU A 52 -34.57 -8.33 -33.62
N SER A 53 -34.21 -7.63 -34.69
CA SER A 53 -33.99 -8.23 -35.99
C SER A 53 -32.66 -7.73 -36.56
N CYS A 54 -32.02 -8.59 -37.35
CA CYS A 54 -30.77 -8.25 -38.02
C CYS A 54 -30.85 -8.59 -39.50
N SER A 55 -31.94 -8.17 -40.15
CA SER A 55 -32.07 -8.39 -41.58
C SER A 55 -31.01 -7.62 -42.36
N ASN A 56 -30.75 -6.37 -41.99
CA ASN A 56 -29.79 -5.53 -42.68
C ASN A 56 -28.96 -4.73 -41.67
N PHE A 57 -28.80 -5.28 -40.46
CA PHE A 57 -28.04 -4.62 -39.42
C PHE A 57 -27.16 -5.64 -38.70
N SER A 58 -25.98 -5.20 -38.29
CA SER A 58 -25.04 -6.04 -37.54
C SER A 58 -24.87 -5.47 -36.14
N LEU A 59 -25.06 -6.32 -35.14
CA LEU A 59 -24.93 -5.92 -33.73
C LEU A 59 -23.62 -6.46 -33.18
N LEU A 60 -22.70 -5.56 -32.86
CA LEU A 60 -21.39 -5.90 -32.32
C LEU A 60 -21.33 -5.40 -30.88
N ALA A 61 -21.10 -6.31 -29.95
CA ALA A 61 -20.99 -5.99 -28.53
C ALA A 61 -19.56 -6.25 -28.08
N TYR A 62 -18.90 -5.22 -27.56
CA TYR A 62 -17.51 -5.35 -27.13
C TYR A 62 -17.23 -4.30 -26.06
N GLN A 63 -15.99 -4.32 -25.57
CA GLN A 63 -15.53 -3.41 -24.53
C GLN A 63 -14.12 -2.96 -24.86
N PHE A 64 -13.68 -1.89 -24.22
CA PHE A 64 -12.31 -1.42 -24.36
C PHE A 64 -11.99 -0.53 -23.17
N ASP A 65 -10.84 0.13 -23.26
CA ASP A 65 -10.35 0.98 -22.18
C ASP A 65 -10.22 2.44 -22.56
N HIS A 66 -9.89 2.74 -23.82
CA HIS A 66 -9.70 4.13 -24.24
C HIS A 66 -10.27 4.32 -25.63
N PHE A 67 -10.66 5.57 -25.92
CA PHE A 67 -11.20 5.93 -27.23
C PHE A 67 -10.09 5.96 -28.27
N SER A 68 -10.15 5.02 -29.21
CA SER A 68 -9.17 4.97 -30.30
C SER A 68 -9.77 4.14 -31.42
N HIS A 69 -9.92 4.76 -32.60
CA HIS A 69 -10.49 4.04 -33.74
C HIS A 69 -9.61 2.85 -34.14
N GLU A 70 -8.30 3.02 -34.08
CA GLU A 70 -7.40 1.92 -34.40
C GLU A 70 -7.59 0.75 -33.45
N LYS A 71 -7.84 1.04 -32.17
CA LYS A 71 -8.10 -0.02 -31.20
C LYS A 71 -9.36 -0.79 -31.57
N ILE A 72 -10.42 -0.09 -31.96
CA ILE A 72 -11.66 -0.75 -32.34
C ILE A 72 -11.46 -1.59 -33.59
N LYS A 73 -10.71 -1.07 -34.56
CA LYS A 73 -10.43 -1.83 -35.78
C LYS A 73 -9.64 -3.09 -35.46
N ASP A 74 -8.63 -2.98 -34.60
CA ASP A 74 -7.83 -4.15 -34.24
C ASP A 74 -8.66 -5.18 -33.48
N LEU A 75 -9.53 -4.71 -32.58
CA LEU A 75 -10.42 -5.63 -31.86
C LEU A 75 -11.35 -6.34 -32.83
N LEU A 76 -11.90 -5.61 -33.81
CA LEU A 76 -12.78 -6.22 -34.80
C LEU A 76 -12.04 -7.25 -35.64
N ARG A 77 -10.81 -6.92 -36.06
CA ARG A 77 -10.00 -7.86 -36.82
C ARG A 77 -9.64 -9.08 -35.98
N LYS A 78 -9.54 -8.92 -34.66
CA LYS A 78 -9.34 -10.07 -33.79
C LYS A 78 -10.52 -11.03 -33.89
N ASN A 79 -11.71 -10.56 -33.52
CA ASN A 79 -12.96 -11.31 -33.71
C ASN A 79 -12.90 -12.70 -33.09
N HIS A 80 -12.24 -12.81 -31.92
CA HIS A 80 -12.17 -14.07 -31.20
C HIS A 80 -13.02 -14.09 -29.94
N SER A 81 -13.42 -12.93 -29.41
CA SER A 81 -14.27 -12.87 -28.24
C SER A 81 -15.36 -11.81 -28.34
N ILE A 82 -15.56 -11.20 -29.52
CA ILE A 82 -16.60 -10.19 -29.67
C ILE A 82 -17.96 -10.86 -29.72
N MET A 83 -18.91 -10.35 -28.94
CA MET A 83 -20.23 -10.94 -28.87
C MET A 83 -21.02 -10.70 -30.14
N GLN A 84 -21.71 -11.73 -30.60
CA GLN A 84 -22.60 -11.66 -31.77
C GLN A 84 -24.03 -11.71 -31.25
N LEU A 85 -24.63 -10.53 -31.08
CA LEU A 85 -25.99 -10.46 -30.55
C LEU A 85 -26.98 -11.13 -31.49
N CYS A 86 -26.81 -10.92 -32.80
CA CYS A 86 -27.75 -11.47 -33.77
C CYS A 86 -27.73 -12.99 -33.78
N SER A 87 -26.53 -13.58 -33.64
CA SER A 87 -26.36 -15.02 -33.74
C SER A 87 -26.36 -15.70 -32.36
N SER A 88 -27.15 -15.16 -31.43
CA SER A 88 -27.25 -15.72 -30.09
C SER A 88 -28.48 -16.61 -30.01
N LYS A 89 -28.28 -17.88 -29.64
CA LYS A 89 -29.38 -18.84 -29.62
C LYS A 89 -30.43 -18.48 -28.59
N ASN A 90 -30.00 -18.11 -27.38
CA ASN A 90 -30.92 -17.77 -26.32
C ASN A 90 -31.64 -16.46 -26.62
N ALA A 91 -32.90 -16.37 -26.17
CA ALA A 91 -33.68 -15.15 -26.39
C ALA A 91 -33.07 -13.97 -25.67
N PHE A 92 -32.64 -14.16 -24.43
CA PHE A 92 -32.05 -13.11 -23.61
C PHE A 92 -30.55 -13.35 -23.46
N VAL A 93 -29.77 -12.30 -23.69
CA VAL A 93 -28.32 -12.36 -23.59
C VAL A 93 -27.88 -11.51 -22.41
N PHE A 94 -27.15 -12.13 -21.48
CA PHE A 94 -26.62 -11.45 -20.30
C PHE A 94 -25.11 -11.35 -20.42
N LEU A 95 -24.59 -10.13 -20.31
CA LEU A 95 -23.17 -9.88 -20.44
C LEU A 95 -22.69 -9.02 -19.28
N GLN A 96 -21.50 -9.31 -18.80
CA GLN A 96 -20.86 -8.55 -17.75
C GLN A 96 -19.58 -7.92 -18.30
N TYR A 97 -19.37 -6.64 -17.99
CA TYR A 97 -18.27 -5.90 -18.57
C TYR A 97 -17.58 -5.09 -17.48
N ASP A 98 -16.54 -5.66 -16.88
CA ASP A 98 -15.78 -4.98 -15.84
C ASP A 98 -14.62 -4.18 -16.41
N LYS A 99 -14.88 -3.37 -17.44
CA LYS A 99 -13.85 -2.58 -18.08
C LYS A 99 -14.34 -1.15 -18.23
N ASN A 100 -13.40 -0.26 -18.51
CA ASN A 100 -13.66 1.18 -18.37
C ASN A 100 -14.78 1.64 -19.28
N PHE A 101 -14.85 1.13 -20.50
CA PHE A 101 -15.85 1.54 -21.49
C PHE A 101 -16.62 0.34 -22.01
N ILE A 102 -17.88 0.58 -22.36
CA ILE A 102 -18.68 -0.36 -23.12
C ILE A 102 -19.25 0.38 -24.31
N GLN A 103 -19.08 -0.18 -25.50
CA GLN A 103 -19.59 0.43 -26.72
C GLN A 103 -20.35 -0.63 -27.51
N ILE A 104 -21.53 -0.24 -28.01
CA ILE A 104 -22.29 -1.05 -28.94
C ILE A 104 -22.40 -0.26 -30.23
N ARG A 105 -21.94 -0.86 -31.33
CA ARG A 105 -21.95 -0.20 -32.62
C ARG A 105 -22.92 -0.90 -33.56
N ARG A 106 -23.47 -0.14 -34.48
CA ARG A 106 -24.41 -0.64 -35.48
C ARG A 106 -23.73 -0.70 -36.83
N VAL A 107 -23.87 -1.83 -37.52
CA VAL A 107 -23.33 -1.97 -38.86
C VAL A 107 -24.43 -2.41 -39.82
N SER A 125 -37.90 -4.43 -29.06
CA SER A 125 -36.46 -4.66 -29.05
C SER A 125 -35.72 -3.54 -28.35
N PHE A 126 -35.30 -3.81 -27.11
CA PHE A 126 -34.58 -2.83 -26.32
C PHE A 126 -33.41 -3.55 -25.65
N PHE A 127 -32.68 -2.82 -24.81
CA PHE A 127 -31.65 -3.40 -23.98
C PHE A 127 -31.43 -2.49 -22.78
N GLU A 128 -31.20 -3.09 -21.61
CA GLU A 128 -31.01 -2.36 -20.38
C GLU A 128 -29.70 -2.78 -19.74
N PHE A 129 -29.02 -1.81 -19.12
CA PHE A 129 -27.78 -2.05 -18.40
C PHE A 129 -27.92 -1.64 -16.95
N LEU A 130 -26.88 -1.92 -16.17
CA LEU A 130 -26.90 -1.67 -14.73
C LEU A 130 -25.48 -1.43 -14.27
N VAL A 131 -25.21 -0.22 -13.76
CA VAL A 131 -23.89 0.09 -13.19
C VAL A 131 -23.98 -0.28 -11.71
N LEU A 132 -23.69 -1.53 -11.39
CA LEU A 132 -23.77 -2.02 -10.03
C LEU A 132 -22.49 -1.69 -9.27
N ASN A 133 -22.63 -1.54 -7.95
CA ASN A 133 -21.48 -1.38 -7.08
C ASN A 133 -20.90 -2.75 -6.79
N LYS A 134 -19.59 -2.91 -7.03
CA LYS A 134 -18.98 -4.24 -7.03
C LYS A 134 -19.01 -4.88 -5.65
N VAL A 135 -18.70 -4.12 -4.61
CA VAL A 135 -18.50 -4.67 -3.28
C VAL A 135 -19.65 -4.35 -2.34
N SER A 136 -20.28 -3.19 -2.50
CA SER A 136 -21.41 -2.77 -1.67
C SER A 136 -22.57 -2.40 -2.59
N PRO A 137 -23.24 -3.39 -3.17
CA PRO A 137 -24.33 -3.08 -4.11
C PRO A 137 -25.49 -2.38 -3.42
N SER A 138 -26.05 -1.40 -4.12
CA SER A 138 -27.17 -0.65 -3.56
C SER A 138 -28.44 -1.51 -3.56
N GLN A 139 -29.45 -1.03 -2.84
CA GLN A 139 -30.71 -1.76 -2.76
C GLN A 139 -31.37 -1.88 -4.12
N PHE A 140 -31.38 -0.80 -4.90
CA PHE A 140 -31.97 -0.85 -6.23
C PHE A 140 -31.15 -1.72 -7.16
N GLY A 141 -29.82 -1.61 -7.09
CA GLY A 141 -28.97 -2.33 -8.03
C GLY A 141 -29.09 -3.84 -7.87
N CYS A 142 -29.04 -4.33 -6.64
CA CYS A 142 -29.16 -5.77 -6.43
C CYS A 142 -30.58 -6.26 -6.70
N HIS A 143 -31.56 -5.36 -6.66
CA HIS A 143 -32.92 -5.74 -7.00
C HIS A 143 -33.08 -5.95 -8.50
N VAL A 144 -32.54 -5.04 -9.31
CA VAL A 144 -32.63 -5.17 -10.76
C VAL A 144 -31.91 -6.43 -11.22
N LEU A 145 -30.72 -6.67 -10.68
CA LEU A 145 -29.97 -7.87 -11.06
C LEU A 145 -30.70 -9.14 -10.64
N CYS A 146 -31.41 -9.10 -9.51
CA CYS A 146 -32.16 -10.28 -9.08
C CYS A 146 -33.28 -10.61 -10.04
N THR A 147 -33.86 -9.57 -10.68
CA THR A 147 -34.84 -9.83 -11.73
C THR A 147 -34.16 -10.40 -12.98
N TRP A 148 -32.94 -9.96 -13.28
CA TRP A 148 -32.22 -10.49 -14.42
C TRP A 148 -31.76 -11.93 -14.18
N LEU A 149 -31.88 -12.40 -12.93
CA LEU A 149 -31.47 -13.76 -12.61
C LEU A 149 -32.35 -14.78 -13.32
N GLU A 150 -33.51 -14.35 -13.81
CA GLU A 150 -34.41 -15.24 -14.54
C GLU A 150 -33.90 -15.45 -15.97
N SER A 151 -32.72 -16.08 -16.09
CA SER A 151 -32.17 -16.35 -17.41
C SER A 151 -32.97 -17.41 -18.15
N CYS A 152 -33.36 -18.46 -17.45
CA CYS A 152 -34.06 -19.58 -18.07
C CYS A 152 -35.16 -20.12 -17.16
N CYS A 163 -28.21 -23.27 -18.10
CA CYS A 163 -27.95 -21.89 -18.50
C CYS A 163 -26.93 -21.24 -17.57
N GLY A 164 -25.81 -20.80 -18.13
CA GLY A 164 -24.72 -20.22 -17.36
C GLY A 164 -24.81 -18.71 -17.32
N ILE A 165 -24.77 -18.16 -16.10
CA ILE A 165 -24.86 -16.73 -15.87
C ILE A 165 -23.78 -16.31 -14.89
N MET A 166 -23.51 -15.00 -14.86
CA MET A 166 -22.57 -14.40 -13.93
C MET A 166 -23.34 -13.51 -12.97
N TYR A 167 -23.37 -13.89 -11.69
CA TYR A 167 -24.03 -13.11 -10.65
C TYR A 167 -23.02 -12.69 -9.60
N THR A 168 -23.31 -11.56 -8.96
CA THR A 168 -22.36 -10.89 -8.07
C THR A 168 -22.46 -11.44 -6.65
N LYS A 169 -21.79 -10.75 -5.72
CA LYS A 169 -21.75 -11.20 -4.34
C LYS A 169 -23.14 -11.13 -3.69
N CYS A 170 -23.88 -10.05 -3.94
CA CYS A 170 -25.18 -9.88 -3.29
C CYS A 170 -26.13 -10.98 -3.73
N THR A 171 -26.83 -11.58 -2.76
CA THR A 171 -27.70 -12.70 -3.03
C THR A 171 -29.16 -12.30 -2.81
N CYS A 172 -30.03 -12.81 -3.68
CA CYS A 172 -31.45 -12.52 -3.62
C CYS A 172 -32.23 -13.67 -4.24
N PRO A 173 -33.33 -14.11 -3.59
CA PRO A 173 -34.18 -15.21 -4.08
C PRO A 173 -34.73 -14.96 -5.48
N VAL B 12 10.99 33.84 -9.69
CA VAL B 12 11.23 32.44 -9.39
C VAL B 12 10.62 31.56 -10.48
N PRO B 13 11.22 30.39 -10.71
CA PRO B 13 10.64 29.42 -11.63
C PRO B 13 9.47 28.68 -10.97
N LYS B 14 8.39 28.50 -11.72
CA LYS B 14 7.20 27.81 -11.24
C LYS B 14 7.01 26.56 -12.09
N ILE B 15 7.56 25.45 -11.61
CA ILE B 15 7.41 24.15 -12.27
C ILE B 15 6.69 23.22 -11.29
N ALA B 16 5.56 22.67 -11.72
CA ALA B 16 4.81 21.74 -10.89
C ALA B 16 3.76 21.09 -11.76
N PHE B 17 3.63 19.78 -11.63
CA PHE B 17 2.68 19.07 -12.47
C PHE B 17 2.03 17.96 -11.65
N TYR B 18 0.92 17.47 -12.19
CA TYR B 18 0.17 16.36 -11.61
C TYR B 18 -0.73 15.84 -12.71
N ALA B 19 -0.75 14.52 -12.89
CA ALA B 19 -1.54 13.92 -13.95
C ALA B 19 -1.94 12.52 -13.55
N GLY B 20 -3.21 12.20 -13.74
CA GLY B 20 -3.65 10.84 -13.53
C GLY B 20 -3.38 9.99 -14.73
N LEU B 21 -3.62 8.69 -14.59
CA LEU B 21 -3.35 7.73 -15.64
C LEU B 21 -4.66 7.38 -16.32
N LYS B 22 -4.91 7.98 -17.49
CA LYS B 22 -6.18 7.76 -18.15
C LYS B 22 -6.26 6.39 -18.80
N ARG B 23 -5.14 5.85 -19.26
CA ARG B 23 -5.10 4.62 -20.03
C ARG B 23 -4.33 3.54 -19.29
N GLN B 24 -4.79 2.30 -19.43
CA GLN B 24 -4.06 1.19 -18.86
C GLN B 24 -2.70 1.04 -19.51
N HIS B 25 -1.70 0.65 -18.72
CA HIS B 25 -0.37 0.33 -19.21
C HIS B 25 0.03 -1.06 -18.75
N GLU B 26 1.08 -1.59 -19.37
CA GLU B 26 1.49 -2.96 -19.10
C GLU B 26 2.92 -3.14 -19.56
N GLY B 27 3.68 -3.95 -18.84
CA GLY B 27 4.98 -4.38 -19.31
C GLY B 27 6.09 -3.49 -18.81
N TYR B 28 6.90 -2.99 -19.74
CA TYR B 28 8.08 -2.20 -19.42
C TYR B 28 8.07 -0.89 -20.18
N GLU B 29 6.91 -0.23 -20.22
CA GLU B 29 6.74 0.98 -21.01
C GLU B 29 6.61 2.19 -20.10
N VAL B 30 7.13 3.31 -20.57
CA VAL B 30 7.02 4.56 -19.83
C VAL B 30 5.55 4.89 -19.61
N LEU B 31 5.20 5.19 -18.37
CA LEU B 31 3.83 5.60 -18.08
C LEU B 31 3.58 6.99 -18.63
N LYS B 32 2.52 7.14 -19.39
CA LYS B 32 2.15 8.40 -20.00
C LYS B 32 0.87 8.89 -19.32
N PHE B 33 1.04 9.72 -18.30
CA PHE B 33 -0.08 10.22 -17.51
C PHE B 33 -0.73 11.35 -18.29
N ASP B 34 -1.75 11.00 -19.06
CA ASP B 34 -2.42 11.91 -19.97
C ASP B 34 -3.51 12.74 -19.32
N ASP B 35 -3.88 12.42 -18.09
CA ASP B 35 -5.01 13.09 -17.41
C ASP B 35 -4.51 14.32 -16.67
N VAL B 36 -3.87 15.20 -17.43
CA VAL B 36 -3.06 16.27 -16.84
C VAL B 36 -3.99 17.24 -16.11
N VAL B 37 -3.87 17.28 -14.80
CA VAL B 37 -4.59 18.24 -13.97
C VAL B 37 -3.83 19.56 -13.87
N THR B 38 -2.54 19.48 -13.56
CA THR B 38 -1.65 20.63 -13.52
C THR B 38 -0.42 20.32 -14.35
N ASN B 39 0.02 21.28 -15.14
CA ASN B 39 1.25 21.18 -15.88
C ASN B 39 1.95 22.53 -15.87
N LEU B 40 1.98 23.15 -14.69
CA LEU B 40 2.45 24.53 -14.59
C LEU B 40 3.87 24.65 -15.12
N GLY B 41 4.03 25.44 -16.17
CA GLY B 41 5.28 25.52 -16.90
C GLY B 41 5.34 24.63 -18.13
N ASN B 42 4.40 23.71 -18.28
CA ASN B 42 4.35 22.79 -19.41
C ASN B 42 5.65 22.03 -19.57
N HIS B 43 6.20 21.57 -18.44
CA HIS B 43 7.41 20.76 -18.41
C HIS B 43 7.11 19.27 -18.35
N TYR B 44 5.85 18.87 -18.39
CA TYR B 44 5.48 17.46 -18.49
C TYR B 44 4.74 17.25 -19.79
N ASP B 45 5.05 16.16 -20.47
CA ASP B 45 4.47 15.86 -21.78
C ASP B 45 3.65 14.58 -21.70
N PRO B 46 2.33 14.66 -21.67
CA PRO B 46 1.53 13.44 -21.58
C PRO B 46 1.68 12.51 -22.77
N THR B 47 2.04 13.04 -23.94
CA THR B 47 2.19 12.19 -25.12
C THR B 47 3.35 11.22 -24.96
N THR B 48 4.46 11.68 -24.38
CA THR B 48 5.58 10.80 -24.07
C THR B 48 5.59 10.35 -22.62
N GLY B 49 5.06 11.16 -21.71
CA GLY B 49 5.03 10.80 -20.30
C GLY B 49 6.29 11.11 -19.54
N LYS B 50 7.10 12.04 -20.03
CA LYS B 50 8.36 12.39 -19.40
C LYS B 50 8.35 13.85 -18.97
N PHE B 51 8.85 14.09 -17.76
CA PHE B 51 9.04 15.44 -17.27
C PHE B 51 10.47 15.87 -17.63
N THR B 52 10.59 16.74 -18.60
CA THR B 52 11.89 17.20 -19.06
C THR B 52 12.28 18.45 -18.30
N CYS B 53 13.37 18.37 -17.53
CA CYS B 53 13.83 19.54 -16.82
C CYS B 53 14.36 20.57 -17.79
N SER B 54 14.14 21.83 -17.48
CA SER B 54 14.70 22.90 -18.28
C SER B 54 15.51 23.88 -17.45
N ILE B 55 15.08 24.16 -16.23
CA ILE B 55 15.80 25.03 -15.31
C ILE B 55 16.47 24.14 -14.27
N PRO B 56 17.80 24.12 -14.19
CA PRO B 56 18.46 23.23 -13.25
C PRO B 56 18.04 23.50 -11.81
N GLY B 57 17.83 22.44 -11.05
CA GLY B 57 17.42 22.61 -9.67
C GLY B 57 17.03 21.29 -9.06
N ILE B 58 16.72 21.36 -7.77
CA ILE B 58 16.35 20.19 -6.99
C ILE B 58 14.83 20.07 -7.02
N TYR B 59 14.33 18.95 -7.55
CA TYR B 59 12.91 18.72 -7.73
C TYR B 59 12.44 17.59 -6.83
N PHE B 60 11.18 17.66 -6.41
CA PHE B 60 10.52 16.58 -5.70
C PHE B 60 9.50 15.95 -6.62
N PHE B 61 9.57 14.64 -6.77
CA PHE B 61 8.60 13.88 -7.56
C PHE B 61 8.01 12.81 -6.67
N THR B 62 6.70 12.68 -6.71
CA THR B 62 6.01 11.55 -6.12
C THR B 62 5.13 10.95 -7.18
N TYR B 63 5.02 9.63 -7.17
CA TYR B 63 4.14 8.94 -8.08
C TYR B 63 3.36 7.90 -7.32
N HIS B 64 2.08 7.79 -7.60
CA HIS B 64 1.24 6.72 -7.12
C HIS B 64 0.72 5.99 -8.34
N VAL B 65 1.01 4.71 -8.45
CA VAL B 65 0.59 3.92 -9.59
C VAL B 65 -0.23 2.75 -9.06
N LEU B 66 -1.50 2.73 -9.39
CA LEU B 66 -2.38 1.67 -8.93
C LEU B 66 -2.14 0.43 -9.78
N MET B 67 -1.82 -0.67 -9.13
CA MET B 67 -1.76 -1.94 -9.84
C MET B 67 -3.15 -2.32 -10.30
N ARG B 68 -3.25 -2.78 -11.53
CA ARG B 68 -4.53 -3.23 -12.05
C ARG B 68 -5.03 -4.41 -11.24
N GLY B 69 -6.29 -4.37 -10.84
CA GLY B 69 -6.89 -5.44 -10.07
C GLY B 69 -7.46 -6.52 -10.98
N GLY B 70 -7.33 -7.76 -10.52
CA GLY B 70 -7.86 -8.89 -11.26
C GLY B 70 -6.81 -9.75 -11.93
N ASP B 71 -5.81 -9.13 -12.56
CA ASP B 71 -4.77 -9.86 -13.26
C ASP B 71 -3.42 -9.24 -12.93
N GLY B 72 -2.47 -10.09 -12.55
CA GLY B 72 -1.14 -9.60 -12.19
C GLY B 72 -1.03 -9.35 -10.70
N THR B 73 -0.20 -10.13 -10.02
CA THR B 73 -0.04 -10.02 -8.58
C THR B 73 1.13 -9.13 -8.18
N SER B 74 1.84 -8.53 -9.13
CA SER B 74 2.98 -7.70 -8.81
C SER B 74 3.17 -6.68 -9.90
N MET B 75 3.56 -5.48 -9.53
CA MET B 75 3.80 -4.43 -10.52
C MET B 75 4.88 -3.50 -10.00
N TRP B 76 5.91 -3.29 -10.79
CA TRP B 76 7.02 -2.43 -10.44
C TRP B 76 6.91 -1.14 -11.22
N ALA B 77 6.90 -0.02 -10.51
CA ALA B 77 6.88 1.29 -11.16
C ALA B 77 8.08 2.05 -10.62
N ASP B 78 9.11 2.17 -11.43
CA ASP B 78 10.36 2.80 -11.03
C ASP B 78 10.39 4.20 -11.61
N LEU B 79 10.56 5.19 -10.75
CA LEU B 79 10.81 6.54 -11.24
C LEU B 79 12.21 6.56 -11.83
N CYS B 80 12.30 6.56 -13.15
CA CYS B 80 13.56 6.51 -13.85
C CYS B 80 14.00 7.93 -14.18
N LYS B 81 15.23 8.26 -13.83
CA LYS B 81 15.84 9.52 -14.21
C LYS B 81 16.80 9.22 -15.35
N ASN B 82 16.55 9.81 -16.52
CA ASN B 82 17.35 9.56 -17.70
C ASN B 82 17.38 8.05 -17.91
N ASN B 83 18.53 7.39 -17.79
CA ASN B 83 18.64 5.95 -17.98
C ASN B 83 19.03 5.23 -16.70
N GLN B 84 18.64 5.78 -15.55
CA GLN B 84 18.93 5.15 -14.27
C GLN B 84 17.69 5.19 -13.38
N VAL B 85 17.50 4.12 -12.61
CA VAL B 85 16.33 3.95 -11.78
C VAL B 85 16.61 4.65 -10.45
N ARG B 86 15.99 5.81 -10.25
CA ARG B 86 16.23 6.61 -9.06
C ARG B 86 15.24 6.31 -7.94
N ALA B 87 14.30 5.41 -8.16
CA ALA B 87 13.40 4.91 -7.14
C ALA B 87 12.71 3.69 -7.70
N SER B 88 12.34 2.78 -6.82
CA SER B 88 11.62 1.60 -7.23
C SER B 88 10.43 1.42 -6.31
N ALA B 89 9.29 1.08 -6.88
CA ALA B 89 8.11 0.78 -6.09
C ALA B 89 7.56 -0.53 -6.57
N ILE B 90 7.14 -1.37 -5.65
CA ILE B 90 6.53 -2.64 -5.98
C ILE B 90 5.15 -2.67 -5.34
N ALA B 91 4.14 -2.92 -6.16
CA ALA B 91 2.79 -3.15 -5.69
C ALA B 91 2.55 -4.63 -5.82
N GLN B 92 2.39 -5.30 -4.70
CA GLN B 92 2.21 -6.75 -4.72
C GLN B 92 1.01 -7.13 -3.87
N ASP B 93 0.23 -8.08 -4.37
CA ASP B 93 -0.88 -8.62 -3.60
C ASP B 93 -1.19 -10.00 -4.16
N ALA B 94 -0.95 -11.04 -3.37
CA ALA B 94 -1.15 -12.41 -3.83
C ALA B 94 -2.60 -12.70 -4.18
N ASP B 95 -3.54 -11.95 -3.61
CA ASP B 95 -4.95 -12.10 -3.93
C ASP B 95 -5.38 -11.20 -5.07
N GLN B 96 -4.44 -10.51 -5.72
CA GLN B 96 -4.71 -9.65 -6.87
C GLN B 96 -5.71 -8.54 -6.50
N ASN B 97 -5.26 -7.68 -5.60
CA ASN B 97 -6.03 -6.52 -5.18
C ASN B 97 -5.46 -5.27 -5.83
N TYR B 98 -6.01 -4.12 -5.43
CA TYR B 98 -5.59 -2.83 -5.98
C TYR B 98 -4.59 -2.21 -5.02
N ASP B 99 -3.36 -2.68 -5.07
CA ASP B 99 -2.31 -2.11 -4.25
C ASP B 99 -1.50 -1.13 -5.07
N TYR B 100 -1.01 -0.09 -4.41
CA TYR B 100 -0.28 0.97 -5.08
C TYR B 100 1.22 0.69 -5.09
N ALA B 101 1.87 1.08 -6.18
CA ALA B 101 3.31 1.12 -6.27
C ALA B 101 3.70 2.58 -6.28
N SER B 102 3.84 3.15 -5.08
CA SER B 102 4.10 4.56 -4.93
C SER B 102 5.46 4.77 -4.31
N ASN B 103 6.05 5.92 -4.59
CA ASN B 103 7.31 6.32 -3.97
C ASN B 103 7.51 7.80 -4.21
N SER B 104 8.39 8.40 -3.43
CA SER B 104 8.70 9.81 -3.54
C SER B 104 10.21 9.99 -3.61
N VAL B 105 10.65 10.93 -4.42
CA VAL B 105 12.06 11.16 -4.65
C VAL B 105 12.32 12.65 -4.54
N VAL B 106 13.54 13.00 -4.15
CA VAL B 106 14.02 14.38 -4.19
C VAL B 106 15.32 14.35 -4.97
N LEU B 107 15.23 14.53 -6.29
CA LEU B 107 16.35 14.37 -7.18
C LEU B 107 16.90 15.73 -7.58
N HIS B 108 18.19 15.76 -7.88
CA HIS B 108 18.80 16.92 -8.52
C HIS B 108 18.77 16.71 -10.03
N LEU B 109 18.34 17.74 -10.76
CA LEU B 109 18.15 17.62 -12.19
C LEU B 109 18.84 18.76 -12.94
N GLU B 110 19.48 18.41 -14.03
CA GLU B 110 20.06 19.32 -15.01
C GLU B 110 19.15 19.39 -16.23
N PRO B 111 19.26 20.43 -17.06
CA PRO B 111 18.35 20.54 -18.20
C PRO B 111 18.48 19.34 -19.12
N GLY B 112 17.33 18.85 -19.57
CA GLY B 112 17.26 17.67 -20.41
C GLY B 112 17.03 16.38 -19.65
N ASP B 113 17.21 16.38 -18.33
CA ASP B 113 16.99 15.16 -17.56
C ASP B 113 15.52 14.80 -17.60
N GLU B 114 15.20 13.68 -18.22
CA GLU B 114 13.82 13.25 -18.38
C GLU B 114 13.47 12.30 -17.25
N VAL B 115 12.69 12.78 -16.29
CA VAL B 115 12.19 11.97 -15.18
C VAL B 115 10.82 11.44 -15.55
N TYR B 116 10.63 10.14 -15.38
CA TYR B 116 9.39 9.51 -15.79
C TYR B 116 9.20 8.25 -14.97
N ILE B 117 7.96 7.78 -14.94
CA ILE B 117 7.63 6.54 -14.26
C ILE B 117 7.52 5.47 -15.31
N LYS B 118 8.30 4.41 -15.16
CA LYS B 118 8.30 3.32 -16.10
C LYS B 118 7.89 2.06 -15.39
N LEU B 119 6.86 1.38 -15.92
CA LEU B 119 6.52 0.08 -15.39
C LEU B 119 7.69 -0.87 -15.60
N ASP B 120 7.90 -1.75 -14.64
CA ASP B 120 9.02 -2.67 -14.70
C ASP B 120 8.53 -4.09 -14.47
N GLY B 121 7.44 -4.45 -15.16
CA GLY B 121 6.97 -5.81 -15.12
C GLY B 121 5.59 -6.02 -14.55
N GLY B 122 4.70 -5.05 -14.72
CA GLY B 122 3.33 -5.24 -14.28
C GLY B 122 2.36 -4.46 -15.12
N LYS B 123 1.08 -4.65 -14.82
CA LYS B 123 -0.02 -3.98 -15.51
C LYS B 123 -0.57 -2.87 -14.63
N ALA B 124 -0.51 -1.64 -15.12
CA ALA B 124 -1.07 -0.53 -14.38
C ALA B 124 -2.57 -0.45 -14.63
N HIS B 125 -3.21 0.50 -13.95
CA HIS B 125 -4.66 0.66 -13.99
C HIS B 125 -5.00 1.93 -14.75
N GLY B 126 -5.93 1.82 -15.69
CA GLY B 126 -6.38 2.98 -16.42
C GLY B 126 -7.58 3.64 -15.76
N GLY B 127 -7.34 4.72 -15.04
CA GLY B 127 -8.39 5.31 -14.25
C GLY B 127 -9.34 6.22 -14.98
N ASN B 128 -9.11 6.45 -16.27
CA ASN B 128 -9.90 7.40 -17.06
C ASN B 128 -9.79 8.75 -16.38
N ASN B 129 -10.88 9.37 -15.93
CA ASN B 129 -10.81 10.64 -15.24
C ASN B 129 -10.73 10.50 -13.73
N ASN B 130 -10.73 9.27 -13.21
CA ASN B 130 -10.73 9.07 -11.77
C ASN B 130 -9.43 9.55 -11.12
N LYS B 131 -8.31 9.41 -11.82
CA LYS B 131 -7.00 9.82 -11.31
C LYS B 131 -6.59 8.99 -10.09
N TYR B 132 -6.73 7.67 -10.20
CA TYR B 132 -6.15 6.78 -9.18
C TYR B 132 -4.64 6.80 -9.25
N SER B 133 -4.08 6.37 -10.38
CA SER B 133 -2.64 6.38 -10.57
C SER B 133 -2.21 7.77 -10.98
N THR B 134 -1.32 8.39 -10.22
CA THR B 134 -0.93 9.76 -10.48
C THR B 134 0.58 9.89 -10.57
N PHE B 135 1.01 11.05 -11.05
CA PHE B 135 2.41 11.42 -11.14
C PHE B 135 2.48 12.89 -10.78
N SER B 136 2.95 13.19 -9.59
CA SER B 136 3.08 14.57 -9.14
C SER B 136 4.55 14.93 -9.08
N GLY B 137 4.82 16.22 -9.08
CA GLY B 137 6.19 16.64 -8.97
C GLY B 137 6.35 18.12 -9.13
N PHE B 138 7.27 18.73 -8.39
CA PHE B 138 7.48 20.16 -8.51
C PHE B 138 8.93 20.47 -8.20
N ILE B 139 9.36 21.62 -8.64
CA ILE B 139 10.68 22.12 -8.33
C ILE B 139 10.62 22.79 -6.96
N ILE B 140 11.56 22.42 -6.10
CA ILE B 140 11.65 23.01 -4.78
C ILE B 140 12.64 24.17 -4.77
N TYR B 141 13.80 23.98 -5.38
CA TYR B 141 14.79 25.03 -5.48
C TYR B 141 15.33 25.05 -6.90
N ALA B 142 15.83 26.21 -7.30
CA ALA B 142 16.51 26.38 -8.58
C ALA B 142 17.98 26.67 -8.30
N ASP B 143 18.86 25.97 -9.02
CA ASP B 143 20.28 26.17 -8.87
C ASP B 143 20.72 27.38 -9.67
N VAL C 12 15.24 30.96 1.06
CA VAL C 12 16.65 31.29 1.25
C VAL C 12 17.51 30.06 1.59
N PRO C 13 17.11 29.25 2.58
CA PRO C 13 17.91 28.06 2.89
C PRO C 13 17.42 26.84 2.12
N LYS C 14 18.39 26.08 1.62
CA LYS C 14 18.13 24.92 0.76
C LYS C 14 18.43 23.64 1.54
N ILE C 15 17.40 23.07 2.15
CA ILE C 15 17.50 21.80 2.87
C ILE C 15 16.54 20.83 2.21
N ALA C 16 17.08 19.70 1.75
CA ALA C 16 16.26 18.69 1.09
C ALA C 16 17.08 17.44 0.95
N PHE C 17 16.52 16.29 1.30
CA PHE C 17 17.26 15.06 1.20
C PHE C 17 16.37 13.96 0.67
N TYR C 18 17.01 12.89 0.23
CA TYR C 18 16.34 11.68 -0.23
C TYR C 18 17.38 10.58 -0.19
N ALA C 19 16.99 9.43 0.34
CA ALA C 19 17.92 8.32 0.49
C ALA C 19 17.15 7.01 0.49
N GLY C 20 17.66 6.03 -0.21
CA GLY C 20 17.09 4.70 -0.18
C GLY C 20 17.68 3.88 0.94
N LEU C 21 17.11 2.70 1.15
CA LEU C 21 17.51 1.83 2.25
C LEU C 21 18.41 0.74 1.67
N LYS C 22 19.72 0.96 1.77
CA LYS C 22 20.67 0.02 1.20
C LYS C 22 20.69 -1.30 1.96
N ARG C 23 20.54 -1.25 3.28
CA ARG C 23 20.64 -2.41 4.14
C ARG C 23 19.30 -2.70 4.78
N GLN C 24 18.97 -3.97 4.90
CA GLN C 24 17.72 -4.33 5.56
C GLN C 24 17.80 -4.02 7.04
N HIS C 25 16.63 -3.83 7.65
CA HIS C 25 16.51 -3.54 9.06
C HIS C 25 15.46 -4.43 9.68
N GLU C 26 15.37 -4.39 11.00
CA GLU C 26 14.48 -5.30 11.71
C GLU C 26 14.29 -4.77 13.13
N GLY C 27 13.08 -4.95 13.66
CA GLY C 27 12.85 -4.74 15.08
C GLY C 27 12.44 -3.31 15.38
N TYR C 28 13.15 -2.67 16.29
CA TYR C 28 12.79 -1.34 16.73
C TYR C 28 13.97 -0.39 16.62
N GLU C 29 14.68 -0.46 15.50
CA GLU C 29 15.89 0.34 15.31
C GLU C 29 15.63 1.46 14.31
N VAL C 30 16.29 2.59 14.54
CA VAL C 30 16.20 3.72 13.62
C VAL C 30 16.64 3.28 12.25
N LEU C 31 15.86 3.63 11.23
CA LEU C 31 16.23 3.33 9.86
C LEU C 31 17.34 4.26 9.41
N LYS C 32 18.43 3.70 8.95
CA LYS C 32 19.58 4.46 8.47
C LYS C 32 19.62 4.31 6.97
N PHE C 33 19.02 5.26 6.26
CA PHE C 33 18.94 5.22 4.81
C PHE C 33 20.29 5.66 4.27
N ASP C 34 21.14 4.70 3.92
CA ASP C 34 22.53 4.93 3.57
C ASP C 34 22.75 5.00 2.06
N ASP C 35 21.74 5.38 1.30
CA ASP C 35 21.77 5.34 -0.16
C ASP C 35 21.49 6.74 -0.65
N VAL C 36 22.21 7.72 -0.07
CA VAL C 36 21.82 9.10 -0.19
C VAL C 36 21.91 9.56 -1.64
N VAL C 37 20.78 9.99 -2.19
CA VAL C 37 20.72 10.60 -3.51
C VAL C 37 20.86 12.11 -3.42
N THR C 38 20.15 12.74 -2.50
CA THR C 38 20.24 14.17 -2.25
C THR C 38 20.44 14.36 -0.75
N ASN C 39 21.36 15.23 -0.38
CA ASN C 39 21.56 15.58 1.02
C ASN C 39 21.91 17.06 1.12
N LEU C 40 21.11 17.91 0.47
CA LEU C 40 21.39 19.34 0.46
C LEU C 40 21.56 19.86 1.89
N GLY C 41 22.64 20.60 2.11
CA GLY C 41 22.97 21.08 3.43
C GLY C 41 23.60 20.05 4.33
N ASN C 42 23.68 18.79 3.89
CA ASN C 42 24.21 17.70 4.70
C ASN C 42 23.52 17.65 6.06
N HIS C 43 22.20 17.82 6.04
CA HIS C 43 21.38 17.77 7.24
C HIS C 43 20.78 16.40 7.50
N TYR C 44 21.12 15.41 6.70
CA TYR C 44 20.75 14.03 6.96
C TYR C 44 22.02 13.22 7.09
N ASP C 45 22.07 12.33 8.07
CA ASP C 45 23.25 11.54 8.37
C ASP C 45 22.96 10.06 8.15
N PRO C 46 23.43 9.46 7.06
CA PRO C 46 23.15 8.02 6.86
C PRO C 46 23.73 7.12 7.91
N THR C 47 24.82 7.53 8.58
CA THR C 47 25.42 6.69 9.60
C THR C 47 24.50 6.51 10.80
N THR C 48 23.83 7.59 11.22
CA THR C 48 22.83 7.49 12.28
C THR C 48 21.41 7.38 11.74
N GLY C 49 21.15 7.94 10.56
CA GLY C 49 19.82 7.85 9.98
C GLY C 49 18.86 8.92 10.45
N LYS C 50 19.36 10.05 10.92
CA LYS C 50 18.53 11.08 11.50
C LYS C 50 18.75 12.41 10.77
N PHE C 51 17.66 13.08 10.45
CA PHE C 51 17.70 14.41 9.88
C PHE C 51 17.68 15.42 11.02
N THR C 52 18.82 16.03 11.30
CA THR C 52 18.93 16.98 12.40
C THR C 52 18.65 18.37 11.86
N CYS C 53 17.57 18.98 12.31
CA CYS C 53 17.27 20.34 11.91
C CYS C 53 18.34 21.29 12.44
N SER C 54 18.70 22.27 11.64
CA SER C 54 19.61 23.32 12.05
C SER C 54 19.01 24.70 11.92
N ILE C 55 18.28 24.96 10.84
CA ILE C 55 17.58 26.22 10.64
C ILE C 55 16.12 25.99 10.98
N PRO C 56 15.60 26.58 12.06
CA PRO C 56 14.23 26.28 12.47
C PRO C 56 13.22 26.67 11.41
N GLY C 57 12.22 25.82 11.22
CA GLY C 57 11.21 26.10 10.22
C GLY C 57 10.29 24.92 10.03
N ILE C 58 9.36 25.10 9.10
CA ILE C 58 8.34 24.09 8.81
C ILE C 58 8.86 23.18 7.71
N TYR C 59 9.00 21.89 8.02
CA TYR C 59 9.58 20.91 7.12
C TYR C 59 8.53 19.90 6.70
N PHE C 60 8.69 19.36 5.50
CA PHE C 60 7.87 18.27 4.99
C PHE C 60 8.72 17.04 4.85
N PHE C 61 8.29 15.93 5.45
CA PHE C 61 8.98 14.66 5.33
C PHE C 61 8.00 13.63 4.83
N THR C 62 8.45 12.81 3.90
CA THR C 62 7.70 11.63 3.48
C THR C 62 8.66 10.45 3.52
N TYR C 63 8.15 9.31 3.92
CA TYR C 63 8.96 8.10 3.92
C TYR C 63 8.16 6.98 3.33
N HIS C 64 8.81 6.18 2.50
CA HIS C 64 8.26 4.94 2.00
C HIS C 64 9.19 3.83 2.44
N VAL C 65 8.69 2.91 3.25
CA VAL C 65 9.49 1.81 3.75
C VAL C 65 8.84 0.52 3.28
N LEU C 66 9.57 -0.23 2.45
CA LEU C 66 9.04 -1.48 1.91
C LEU C 66 9.18 -2.55 2.98
N MET C 67 8.08 -3.23 3.29
CA MET C 67 8.15 -4.37 4.16
C MET C 67 8.92 -5.49 3.47
N ARG C 68 9.74 -6.18 4.23
CA ARG C 68 10.51 -7.29 3.68
C ARG C 68 9.56 -8.41 3.28
N GLY C 69 9.58 -8.76 2.00
CA GLY C 69 8.78 -9.86 1.54
C GLY C 69 9.28 -11.20 2.04
N GLY C 70 8.37 -12.14 2.14
CA GLY C 70 8.70 -13.48 2.61
C GLY C 70 8.52 -13.77 4.09
N ASP C 71 9.08 -12.92 4.94
CA ASP C 71 9.03 -13.12 6.38
C ASP C 71 8.50 -11.85 7.06
N GLY C 72 7.50 -12.02 7.91
CA GLY C 72 6.91 -10.90 8.60
C GLY C 72 5.69 -10.36 7.90
N THR C 73 4.52 -10.51 8.52
CA THR C 73 3.26 -10.09 7.93
C THR C 73 2.86 -8.67 8.30
N SER C 74 3.65 -7.98 9.12
CA SER C 74 3.28 -6.64 9.54
C SER C 74 4.54 -5.88 9.88
N MET C 75 4.56 -4.59 9.57
CA MET C 75 5.72 -3.77 9.86
CA MET C 75 5.72 -3.77 9.86
C MET C 75 5.27 -2.33 10.11
N TRP C 76 5.77 -1.74 11.19
CA TRP C 76 5.44 -0.37 11.56
C TRP C 76 6.67 0.50 11.38
N ALA C 77 6.52 1.57 10.63
CA ALA C 77 7.59 2.54 10.44
C ALA C 77 7.02 3.89 10.85
N ASP C 78 7.40 4.37 12.02
CA ASP C 78 6.90 5.61 12.55
C ASP C 78 7.94 6.70 12.34
N LEU C 79 7.52 7.80 11.74
CA LEU C 79 8.40 8.97 11.65
C LEU C 79 8.42 9.59 13.03
N CYS C 80 9.54 9.43 13.73
CA CYS C 80 9.67 9.92 15.10
C CYS C 80 10.37 11.26 15.08
N LYS C 81 9.79 12.23 15.76
CA LYS C 81 10.41 13.53 15.97
C LYS C 81 10.93 13.55 17.40
N ASN C 82 12.24 13.70 17.56
CA ASN C 82 12.87 13.62 18.89
C ASN C 82 12.37 12.32 19.52
N ASN C 83 11.89 12.35 20.76
CA ASN C 83 11.29 11.17 21.38
C ASN C 83 9.77 11.20 21.33
N GLN C 84 9.18 11.32 20.14
CA GLN C 84 7.74 11.21 20.03
C GLN C 84 7.37 10.89 18.59
N VAL C 85 6.30 10.11 18.44
CA VAL C 85 5.92 9.53 17.16
C VAL C 85 5.00 10.52 16.46
N ARG C 86 5.54 11.26 15.49
CA ARG C 86 4.76 12.25 14.77
C ARG C 86 3.96 11.68 13.62
N ALA C 87 4.17 10.41 13.28
CA ALA C 87 3.36 9.71 12.30
C ALA C 87 3.60 8.23 12.46
N SER C 88 2.64 7.44 12.06
CA SER C 88 2.77 6.01 12.12
C SER C 88 2.32 5.42 10.80
N ALA C 89 3.03 4.41 10.35
CA ALA C 89 2.64 3.71 9.13
C ALA C 89 2.75 2.23 9.39
N ILE C 90 1.76 1.48 8.95
CA ILE C 90 1.75 0.04 9.08
C ILE C 90 1.67 -0.56 7.69
N ALA C 91 2.62 -1.43 7.38
CA ALA C 91 2.57 -2.25 6.18
C ALA C 91 2.18 -3.64 6.62
N GLN C 92 1.05 -4.12 6.13
CA GLN C 92 0.56 -5.41 6.53
C GLN C 92 0.09 -6.19 5.33
N ASP C 93 0.39 -7.48 5.32
CA ASP C 93 -0.10 -8.37 4.27
C ASP C 93 -0.07 -9.79 4.83
N ALA C 94 -1.25 -10.38 5.01
CA ALA C 94 -1.35 -11.71 5.58
C ALA C 94 -0.66 -12.76 4.74
N ASP C 95 -0.55 -12.54 3.43
CA ASP C 95 0.15 -13.44 2.53
C ASP C 95 1.64 -13.15 2.44
N GLN C 96 2.13 -12.21 3.25
CA GLN C 96 3.55 -11.86 3.30
C GLN C 96 4.04 -11.38 1.93
N ASN C 97 3.48 -10.25 1.50
CA ASN C 97 3.86 -9.60 0.26
C ASN C 97 4.69 -8.37 0.57
N TYR C 98 4.99 -7.61 -0.49
CA TYR C 98 5.75 -6.38 -0.37
C TYR C 98 4.77 -5.22 -0.30
N ASP C 99 4.42 -4.81 0.90
CA ASP C 99 3.55 -3.66 1.08
C ASP C 99 4.34 -2.57 1.76
N TYR C 100 4.03 -1.32 1.43
CA TYR C 100 4.78 -0.18 1.94
C TYR C 100 4.15 0.36 3.22
N ALA C 101 4.99 0.64 4.21
CA ALA C 101 4.57 1.40 5.37
C ALA C 101 5.02 2.84 5.13
N SER C 102 4.27 3.52 4.28
CA SER C 102 4.58 4.88 3.91
C SER C 102 3.63 5.85 4.62
N ASN C 103 4.12 7.05 4.85
CA ASN C 103 3.32 8.12 5.41
C ASN C 103 4.02 9.42 5.12
N SER C 104 3.36 10.52 5.43
CA SER C 104 3.85 11.83 5.05
C SER C 104 3.43 12.85 6.10
N VAL C 105 4.34 13.73 6.47
CA VAL C 105 4.15 14.64 7.58
C VAL C 105 4.54 16.05 7.14
N VAL C 106 3.98 17.04 7.83
CA VAL C 106 4.41 18.43 7.72
C VAL C 106 4.61 18.92 9.14
N LEU C 107 5.83 18.82 9.64
CA LEU C 107 6.14 19.10 11.04
C LEU C 107 6.84 20.43 11.16
N HIS C 108 6.65 21.07 12.31
CA HIS C 108 7.45 22.22 12.69
C HIS C 108 8.66 21.75 13.48
N LEU C 109 9.84 22.27 13.14
CA LEU C 109 11.08 21.82 13.75
C LEU C 109 11.91 22.97 14.25
N GLU C 110 12.50 22.80 15.42
CA GLU C 110 13.49 23.67 16.02
C GLU C 110 14.88 23.07 15.86
N PRO C 111 15.93 23.87 15.96
CA PRO C 111 17.27 23.31 15.78
C PRO C 111 17.55 22.19 16.78
N GLY C 112 18.10 21.10 16.29
CA GLY C 112 18.36 19.92 17.09
C GLY C 112 17.31 18.85 16.99
N ASP C 113 16.12 19.17 16.50
CA ASP C 113 15.06 18.18 16.40
C ASP C 113 15.47 17.11 15.40
N GLU C 114 15.66 15.89 15.86
CA GLU C 114 16.12 14.80 15.01
C GLU C 114 14.90 14.03 14.53
N VAL C 115 14.54 14.23 13.26
CA VAL C 115 13.45 13.50 12.64
C VAL C 115 14.02 12.28 11.93
N TYR C 116 13.43 11.12 12.18
CA TYR C 116 13.96 9.89 11.63
C TYR C 116 12.83 8.88 11.55
N ILE C 117 13.01 7.90 10.67
CA ILE C 117 12.06 6.83 10.51
C ILE C 117 12.56 5.66 11.32
N LYS C 118 11.71 5.16 12.21
CA LYS C 118 12.12 4.13 13.15
C LYS C 118 11.14 2.99 13.05
N LEU C 119 11.64 1.79 12.75
CA LEU C 119 10.78 0.62 12.75
C LEU C 119 10.21 0.40 14.13
N ASP C 120 8.93 0.05 14.18
CA ASP C 120 8.26 -0.27 15.43
C ASP C 120 7.73 -1.69 15.39
N GLY C 121 8.54 -2.60 14.87
CA GLY C 121 8.14 -3.97 14.66
C GLY C 121 8.33 -4.34 13.22
N GLY C 122 8.49 -5.63 12.94
CA GLY C 122 8.64 -6.09 11.58
C GLY C 122 10.00 -5.75 10.99
N LYS C 123 10.23 -6.27 9.79
CA LYS C 123 11.53 -6.20 9.12
C LYS C 123 11.41 -5.37 7.86
N ALA C 124 12.30 -4.42 7.68
CA ALA C 124 12.32 -3.63 6.47
C ALA C 124 13.10 -4.39 5.37
N HIS C 125 13.16 -3.77 4.20
CA HIS C 125 13.75 -4.38 3.02
C HIS C 125 14.98 -3.58 2.62
N GLY C 126 16.08 -4.27 2.33
CA GLY C 126 17.28 -3.61 1.89
C GLY C 126 17.51 -3.79 0.40
N GLY C 127 17.43 -2.70 -0.36
CA GLY C 127 17.43 -2.82 -1.79
C GLY C 127 18.70 -2.40 -2.49
N ASN C 128 19.82 -2.32 -1.77
CA ASN C 128 21.10 -1.96 -2.37
C ASN C 128 20.95 -0.58 -3.00
N ASN C 129 21.13 -0.43 -4.31
CA ASN C 129 20.94 0.84 -4.99
C ASN C 129 19.55 0.98 -5.59
N ASN C 130 18.66 0.00 -5.39
CA ASN C 130 17.33 0.06 -5.97
C ASN C 130 16.51 1.23 -5.42
N LYS C 131 16.62 1.50 -4.13
CA LYS C 131 15.87 2.57 -3.47
C LYS C 131 14.37 2.28 -3.48
N TYR C 132 14.00 1.06 -3.11
CA TYR C 132 12.60 0.76 -2.86
C TYR C 132 12.09 1.51 -1.64
N SER C 133 12.81 1.40 -0.52
CA SER C 133 12.43 2.07 0.71
C SER C 133 13.18 3.39 0.79
N THR C 134 12.46 4.49 0.88
CA THR C 134 13.07 5.81 0.81
C THR C 134 12.67 6.66 1.99
N PHE C 135 13.43 7.74 2.16
CA PHE C 135 13.17 8.76 3.16
C PHE C 135 13.40 10.09 2.46
N SER C 136 12.33 10.83 2.23
CA SER C 136 12.43 12.11 1.55
C SER C 136 12.00 13.20 2.51
N GLY C 137 12.51 14.39 2.28
CA GLY C 137 12.12 15.48 3.14
C GLY C 137 12.79 16.77 2.75
N PHE C 138 12.07 17.88 2.87
CA PHE C 138 12.66 19.18 2.57
C PHE C 138 12.03 20.23 3.46
N ILE C 139 12.73 21.33 3.61
CA ILE C 139 12.21 22.48 4.33
C ILE C 139 11.33 23.26 3.37
N ILE C 140 10.11 23.58 3.80
CA ILE C 140 9.22 24.38 3.00
C ILE C 140 9.35 25.85 3.33
N TYR C 141 9.39 26.17 4.62
CA TYR C 141 9.56 27.54 5.07
C TYR C 141 10.57 27.58 6.20
N ALA C 142 11.18 28.74 6.37
CA ALA C 142 11.99 29.04 7.52
C ALA C 142 11.34 30.21 8.27
N ASP C 143 11.49 30.21 9.58
CA ASP C 143 10.87 31.23 10.41
C ASP C 143 11.39 32.62 10.05
N VAL D 12 6.84 34.24 0.01
CA VAL D 12 5.86 33.16 -0.03
C VAL D 12 5.01 33.16 1.23
N PRO D 13 3.71 33.38 1.08
CA PRO D 13 2.80 33.22 2.21
C PRO D 13 2.82 31.78 2.70
N LYS D 14 2.75 31.61 4.02
CA LYS D 14 3.01 30.32 4.65
C LYS D 14 1.68 29.61 4.92
N ILE D 15 1.35 28.64 4.08
CA ILE D 15 0.19 27.79 4.27
C ILE D 15 0.67 26.35 4.20
N ALA D 16 0.47 25.60 5.28
CA ALA D 16 0.89 24.21 5.32
C ALA D 16 0.23 23.56 6.51
N PHE D 17 -0.28 22.35 6.31
CA PHE D 17 -0.97 21.68 7.39
C PHE D 17 -0.67 20.19 7.34
N TYR D 18 -0.93 19.55 8.46
CA TYR D 18 -0.81 18.11 8.60
C TYR D 18 -1.63 17.72 9.81
N ALA D 19 -2.41 16.65 9.68
CA ALA D 19 -3.29 16.23 10.75
C ALA D 19 -3.57 14.74 10.60
N GLY D 20 -3.66 14.04 11.73
CA GLY D 20 -4.00 12.65 11.74
C GLY D 20 -5.47 12.44 12.03
N LEU D 21 -5.89 11.19 11.93
CA LEU D 21 -7.29 10.83 12.11
C LEU D 21 -7.49 10.34 13.53
N LYS D 22 -7.98 11.22 14.41
CA LYS D 22 -8.24 10.82 15.78
C LYS D 22 -9.39 9.81 15.85
N ARG D 23 -10.43 10.03 15.06
CA ARG D 23 -11.67 9.28 15.19
C ARG D 23 -11.90 8.41 13.97
N GLN D 24 -12.50 7.26 14.22
CA GLN D 24 -12.88 6.34 13.16
C GLN D 24 -13.89 7.01 12.23
N HIS D 25 -13.81 6.67 10.94
CA HIS D 25 -14.76 7.16 9.95
C HIS D 25 -15.27 5.99 9.12
N GLU D 26 -16.39 6.22 8.44
CA GLU D 26 -17.04 5.17 7.68
C GLU D 26 -17.97 5.80 6.67
N GLY D 27 -18.04 5.20 5.49
CA GLY D 27 -18.99 5.63 4.47
C GLY D 27 -18.63 6.94 3.84
N TYR D 28 -19.52 7.39 2.96
CA TYR D 28 -19.25 8.54 2.09
C TYR D 28 -19.38 9.84 2.88
N GLU D 29 -18.43 10.05 3.79
CA GLU D 29 -18.40 11.25 4.61
C GLU D 29 -17.01 11.87 4.57
N VAL D 30 -16.98 13.20 4.64
CA VAL D 30 -15.70 13.91 4.64
C VAL D 30 -14.88 13.47 5.83
N LEU D 31 -13.59 13.29 5.62
CA LEU D 31 -12.67 12.95 6.71
C LEU D 31 -12.29 14.22 7.46
N LYS D 32 -12.45 14.19 8.77
CA LYS D 32 -12.13 15.31 9.64
C LYS D 32 -10.88 14.93 10.43
N PHE D 33 -9.73 15.31 9.92
CA PHE D 33 -8.46 14.99 10.57
C PHE D 33 -8.28 16.00 11.70
N ASP D 34 -8.69 15.59 12.89
CA ASP D 34 -8.73 16.46 14.07
C ASP D 34 -7.43 16.46 14.86
N ASP D 35 -6.47 15.61 14.50
CA ASP D 35 -5.24 15.45 15.25
C ASP D 35 -4.17 16.41 14.72
N VAL D 36 -4.52 17.69 14.72
CA VAL D 36 -3.78 18.68 13.96
C VAL D 36 -2.40 18.87 14.57
N VAL D 37 -1.36 18.62 13.77
CA VAL D 37 0.01 18.88 14.15
C VAL D 37 0.48 20.24 13.66
N THR D 38 0.26 20.53 12.38
CA THR D 38 0.55 21.81 11.78
C THR D 38 -0.70 22.33 11.12
N ASN D 39 -1.01 23.60 11.35
CA ASN D 39 -2.11 24.26 10.67
C ASN D 39 -1.73 25.70 10.37
N LEU D 40 -0.57 25.89 9.75
CA LEU D 40 -0.10 27.24 9.46
C LEU D 40 -1.14 28.03 8.69
N GLY D 41 -1.42 29.25 9.14
CA GLY D 41 -2.46 30.06 8.57
C GLY D 41 -3.85 29.69 9.00
N ASN D 42 -4.02 28.60 9.75
CA ASN D 42 -5.33 28.11 10.17
C ASN D 42 -6.25 27.97 8.97
N HIS D 43 -5.72 27.45 7.88
CA HIS D 43 -6.48 27.20 6.66
C HIS D 43 -7.05 25.80 6.57
N TYR D 44 -6.85 24.98 7.60
CA TYR D 44 -7.49 23.69 7.71
C TYR D 44 -8.37 23.69 8.94
N ASP D 45 -9.58 23.16 8.80
CA ASP D 45 -10.57 23.17 9.87
C ASP D 45 -10.87 21.74 10.30
N PRO D 46 -10.37 21.27 11.44
CA PRO D 46 -10.65 19.90 11.85
C PRO D 46 -12.12 19.63 12.12
N THR D 47 -12.90 20.66 12.49
CA THR D 47 -14.31 20.44 12.77
C THR D 47 -15.08 20.05 11.52
N THR D 48 -14.76 20.67 10.39
CA THR D 48 -15.34 20.27 9.11
C THR D 48 -14.44 19.32 8.33
N GLY D 49 -13.13 19.46 8.47
CA GLY D 49 -12.21 18.60 7.75
C GLY D 49 -11.83 19.08 6.37
N LYS D 50 -11.97 20.37 6.11
CA LYS D 50 -11.75 20.93 4.78
C LYS D 50 -10.68 22.00 4.83
N PHE D 51 -9.79 21.97 3.85
CA PHE D 51 -8.78 23.00 3.69
C PHE D 51 -9.34 24.05 2.74
N THR D 52 -9.70 25.20 3.26
CA THR D 52 -10.29 26.27 2.46
C THR D 52 -9.17 27.20 1.99
N CYS D 53 -8.96 27.26 0.68
CA CYS D 53 -7.97 28.18 0.15
C CYS D 53 -8.42 29.61 0.36
N SER D 54 -7.47 30.48 0.67
CA SER D 54 -7.73 31.91 0.78
C SER D 54 -6.88 32.72 -0.19
N ILE D 55 -5.60 32.39 -0.31
CA ILE D 55 -4.69 33.03 -1.25
C ILE D 55 -4.60 32.11 -2.47
N PRO D 56 -5.06 32.52 -3.64
CA PRO D 56 -5.04 31.63 -4.80
C PRO D 56 -3.62 31.23 -5.16
N GLY D 57 -3.46 29.98 -5.56
CA GLY D 57 -2.15 29.51 -5.96
C GLY D 57 -2.13 28.01 -6.14
N ILE D 58 -0.95 27.51 -6.49
CA ILE D 58 -0.74 26.09 -6.75
C ILE D 58 -0.35 25.41 -5.45
N TYR D 59 -1.17 24.44 -5.03
CA TYR D 59 -0.99 23.75 -3.77
C TYR D 59 -0.69 22.27 -4.02
N PHE D 60 0.09 21.68 -3.11
CA PHE D 60 0.33 20.24 -3.11
C PHE D 60 -0.35 19.65 -1.89
N PHE D 61 -1.15 18.63 -2.11
CA PHE D 61 -1.81 17.90 -1.04
C PHE D 61 -1.46 16.42 -1.16
N THR D 62 -1.15 15.81 -0.05
CA THR D 62 -1.01 14.36 0.03
C THR D 62 -1.85 13.88 1.20
N TYR D 63 -2.47 12.74 1.04
CA TYR D 63 -3.24 12.14 2.11
C TYR D 63 -2.88 10.67 2.19
N HIS D 64 -2.72 10.19 3.41
CA HIS D 64 -2.60 8.77 3.69
C HIS D 64 -3.75 8.40 4.59
N VAL D 65 -4.56 7.45 4.18
CA VAL D 65 -5.74 7.06 4.93
C VAL D 65 -5.65 5.56 5.16
N LEU D 66 -5.33 5.17 6.38
CA LEU D 66 -5.30 3.77 6.74
C LEU D 66 -6.73 3.25 6.82
N MET D 67 -6.99 2.15 6.14
CA MET D 67 -8.29 1.51 6.27
C MET D 67 -8.27 0.56 7.45
N ARG D 68 -9.43 0.33 8.03
CA ARG D 68 -9.51 -0.45 9.26
C ARG D 68 -9.19 -1.91 9.00
N GLY D 69 -8.40 -2.49 9.89
CA GLY D 69 -8.26 -3.92 9.92
C GLY D 69 -9.50 -4.57 10.51
N GLY D 70 -9.75 -5.80 10.12
CA GLY D 70 -10.94 -6.50 10.57
C GLY D 70 -12.12 -6.31 9.66
N ASP D 71 -12.97 -5.34 9.97
CA ASP D 71 -14.14 -5.07 9.14
C ASP D 71 -13.76 -4.17 7.98
N GLY D 72 -14.17 -4.57 6.78
CA GLY D 72 -13.91 -3.76 5.60
C GLY D 72 -12.81 -4.30 4.73
N THR D 73 -13.15 -4.64 3.48
CA THR D 73 -12.19 -5.20 2.53
C THR D 73 -11.64 -4.16 1.56
N SER D 74 -12.38 -3.08 1.31
CA SER D 74 -11.93 -2.06 0.37
C SER D 74 -12.38 -0.70 0.87
N MET D 75 -11.52 0.29 0.71
CA MET D 75 -11.87 1.64 1.15
C MET D 75 -11.37 2.63 0.11
N TRP D 76 -12.24 3.57 -0.28
CA TRP D 76 -11.90 4.59 -1.24
C TRP D 76 -11.80 5.93 -0.52
N ALA D 77 -10.69 6.62 -0.71
CA ALA D 77 -10.52 7.94 -0.14
C ALA D 77 -10.11 8.86 -1.29
N ASP D 78 -11.05 9.69 -1.72
CA ASP D 78 -10.82 10.58 -2.85
C ASP D 78 -10.57 11.98 -2.32
N LEU D 79 -9.46 12.58 -2.74
CA LEU D 79 -9.24 13.99 -2.46
C LEU D 79 -10.17 14.78 -3.35
N CYS D 80 -11.23 15.32 -2.77
CA CYS D 80 -12.24 16.04 -3.52
C CYS D 80 -11.94 17.53 -3.45
N LYS D 81 -11.92 18.17 -4.60
CA LYS D 81 -11.79 19.61 -4.70
C LYS D 81 -13.17 20.17 -5.00
N ASN D 82 -13.74 20.91 -4.06
CA ASN D 82 -15.11 21.41 -4.18
C ASN D 82 -15.99 20.21 -4.51
N ASN D 83 -16.83 20.28 -5.53
CA ASN D 83 -17.68 19.16 -5.92
C ASN D 83 -17.09 18.37 -7.07
N GLN D 84 -15.84 17.92 -6.95
CA GLN D 84 -15.26 17.07 -7.98
C GLN D 84 -14.04 16.35 -7.43
N VAL D 85 -13.84 15.14 -7.90
CA VAL D 85 -12.83 14.24 -7.35
C VAL D 85 -11.53 14.47 -8.12
N ARG D 86 -10.59 15.16 -7.48
CA ARG D 86 -9.30 15.47 -8.09
C ARG D 86 -8.28 14.36 -7.94
N ALA D 87 -8.59 13.32 -7.17
CA ALA D 87 -7.74 12.14 -7.04
C ALA D 87 -8.55 11.07 -6.36
N SER D 88 -8.23 9.83 -6.66
CA SER D 88 -8.93 8.71 -6.05
C SER D 88 -7.89 7.73 -5.53
N ALA D 89 -8.13 7.21 -4.35
CA ALA D 89 -7.24 6.19 -3.80
C ALA D 89 -8.10 5.05 -3.31
N ILE D 90 -7.66 3.83 -3.58
CA ILE D 90 -8.34 2.65 -3.13
C ILE D 90 -7.38 1.85 -2.27
N ALA D 91 -7.79 1.53 -1.06
CA ALA D 91 -7.07 0.62 -0.19
C ALA D 91 -7.85 -0.68 -0.19
N GLN D 92 -7.22 -1.75 -0.65
CA GLN D 92 -7.91 -3.01 -0.77
C GLN D 92 -7.04 -4.13 -0.26
N ASP D 93 -7.64 -5.07 0.46
CA ASP D 93 -6.93 -6.26 0.91
C ASP D 93 -7.96 -7.34 1.19
N ALA D 94 -7.95 -8.40 0.38
CA ALA D 94 -8.96 -9.45 0.50
C ALA D 94 -8.90 -10.14 1.85
N ASP D 95 -7.74 -10.17 2.48
CA ASP D 95 -7.57 -10.74 3.80
C ASP D 95 -7.92 -9.77 4.91
N GLN D 96 -8.51 -8.62 4.55
CA GLN D 96 -8.95 -7.61 5.52
C GLN D 96 -7.80 -7.14 6.39
N ASN D 97 -6.66 -6.86 5.76
CA ASN D 97 -5.51 -6.32 6.47
C ASN D 97 -5.60 -4.81 6.52
N TYR D 98 -4.54 -4.17 6.99
CA TYR D 98 -4.41 -2.73 6.95
C TYR D 98 -3.72 -2.36 5.65
N ASP D 99 -4.33 -1.46 4.91
CA ASP D 99 -3.69 -0.94 3.71
C ASP D 99 -4.08 0.51 3.56
N TYR D 100 -3.23 1.29 2.94
CA TYR D 100 -3.41 2.72 2.84
C TYR D 100 -4.05 3.10 1.51
N ALA D 101 -5.06 3.97 1.57
CA ALA D 101 -5.59 4.62 0.39
C ALA D 101 -4.97 6.00 0.35
N SER D 102 -3.75 6.06 -0.16
CA SER D 102 -2.99 7.30 -0.21
C SER D 102 -2.86 7.78 -1.65
N ASN D 103 -2.65 9.08 -1.79
CA ASN D 103 -2.42 9.69 -3.08
C ASN D 103 -1.92 11.11 -2.85
N SER D 104 -1.28 11.67 -3.87
CA SER D 104 -0.78 13.03 -3.82
C SER D 104 -1.30 13.79 -5.03
N VAL D 105 -1.57 15.06 -4.84
CA VAL D 105 -2.11 15.91 -5.89
C VAL D 105 -1.33 17.22 -5.89
N VAL D 106 -1.27 17.84 -7.06
CA VAL D 106 -0.76 19.21 -7.19
C VAL D 106 -1.84 19.99 -7.92
N LEU D 107 -2.76 20.58 -7.16
CA LEU D 107 -3.92 21.23 -7.71
C LEU D 107 -3.74 22.74 -7.72
N HIS D 108 -4.42 23.39 -8.66
CA HIS D 108 -4.53 24.84 -8.64
C HIS D 108 -5.80 25.22 -7.92
N LEU D 109 -5.70 26.16 -6.99
CA LEU D 109 -6.83 26.53 -6.14
C LEU D 109 -7.08 28.03 -6.17
N GLU D 110 -8.35 28.39 -6.23
CA GLU D 110 -8.85 29.75 -6.10
C GLU D 110 -9.42 29.94 -4.70
N PRO D 111 -9.54 31.19 -4.23
CA PRO D 111 -10.08 31.41 -2.88
C PRO D 111 -11.47 30.81 -2.74
N GLY D 112 -11.69 30.14 -1.63
CA GLY D 112 -12.93 29.45 -1.39
C GLY D 112 -12.94 27.98 -1.75
N ASP D 113 -12.00 27.54 -2.57
CA ASP D 113 -11.94 26.13 -2.92
C ASP D 113 -11.68 25.30 -1.68
N GLU D 114 -12.47 24.25 -1.50
CA GLU D 114 -12.38 23.42 -0.30
C GLU D 114 -11.87 22.06 -0.70
N VAL D 115 -10.59 21.80 -0.44
CA VAL D 115 -9.98 20.50 -0.69
C VAL D 115 -10.10 19.67 0.57
N TYR D 116 -10.58 18.44 0.41
CA TYR D 116 -10.80 17.57 1.56
C TYR D 116 -10.75 16.13 1.08
N ILE D 117 -10.53 15.24 2.02
CA ILE D 117 -10.51 13.81 1.73
C ILE D 117 -11.86 13.26 2.15
N LYS D 118 -12.57 12.68 1.21
CA LYS D 118 -13.88 12.09 1.48
C LYS D 118 -13.80 10.61 1.21
N LEU D 119 -14.17 9.81 2.20
CA LEU D 119 -14.30 8.38 1.96
C LEU D 119 -15.36 8.14 0.90
N ASP D 120 -15.08 7.22 -0.01
CA ASP D 120 -16.07 6.87 -1.01
C ASP D 120 -16.45 5.42 -0.86
N GLY D 121 -16.60 4.98 0.38
CA GLY D 121 -16.85 3.60 0.68
C GLY D 121 -15.83 3.12 1.69
N GLY D 122 -16.16 2.09 2.44
CA GLY D 122 -15.25 1.55 3.42
C GLY D 122 -15.10 2.45 4.63
N LYS D 123 -14.33 1.94 5.58
CA LYS D 123 -14.18 2.58 6.89
C LYS D 123 -12.72 2.95 7.12
N ALA D 124 -12.49 4.20 7.49
CA ALA D 124 -11.15 4.63 7.81
C ALA D 124 -10.83 4.31 9.27
N HIS D 125 -9.54 4.21 9.56
CA HIS D 125 -9.05 3.82 10.88
C HIS D 125 -8.88 5.05 11.73
N GLY D 126 -9.35 4.99 12.97
CA GLY D 126 -9.19 6.10 13.89
C GLY D 126 -8.00 5.90 14.78
N GLY D 127 -6.92 6.62 14.50
CA GLY D 127 -5.64 6.30 15.11
C GLY D 127 -5.35 7.00 16.41
N ASN D 128 -6.31 7.75 16.94
CA ASN D 128 -6.14 8.49 18.19
C ASN D 128 -4.99 9.46 18.00
N ASN D 129 -3.98 9.47 18.86
CA ASN D 129 -2.81 10.31 18.68
C ASN D 129 -1.74 9.67 17.81
N ASN D 130 -1.94 8.43 17.37
CA ASN D 130 -0.91 7.74 16.61
C ASN D 130 -0.63 8.41 15.28
N LYS D 131 -1.64 8.96 14.64
CA LYS D 131 -1.51 9.62 13.34
C LYS D 131 -1.08 8.65 12.25
N TYR D 132 -1.80 7.53 12.15
CA TYR D 132 -1.64 6.66 11.00
C TYR D 132 -2.21 7.30 9.74
N SER D 133 -3.50 7.55 9.73
CA SER D 133 -4.15 8.20 8.60
C SER D 133 -3.91 9.71 8.70
N THR D 134 -3.29 10.28 7.68
CA THR D 134 -2.91 11.69 7.73
C THR D 134 -3.45 12.44 6.53
N PHE D 135 -3.39 13.76 6.62
CA PHE D 135 -3.74 14.66 5.54
C PHE D 135 -2.72 15.77 5.58
N SER D 136 -1.82 15.79 4.62
CA SER D 136 -0.80 16.83 4.55
C SER D 136 -1.05 17.70 3.32
N GLY D 137 -0.50 18.90 3.35
CA GLY D 137 -0.65 19.75 2.20
C GLY D 137 -0.08 21.13 2.45
N PHE D 138 0.47 21.74 1.41
CA PHE D 138 1.03 23.07 1.56
C PHE D 138 0.93 23.80 0.23
N ILE D 139 1.01 25.10 0.30
CA ILE D 139 1.06 25.93 -0.89
C ILE D 139 2.49 25.96 -1.39
N ILE D 140 2.65 25.81 -2.70
CA ILE D 140 3.95 25.86 -3.34
C ILE D 140 4.18 27.23 -3.96
N TYR D 141 3.18 27.77 -4.64
CA TYR D 141 3.29 29.09 -5.27
C TYR D 141 2.00 29.86 -5.01
N ALA D 142 2.14 31.17 -4.79
CA ALA D 142 0.99 32.03 -4.55
C ALA D 142 0.51 32.73 -5.83
N ASP D 143 0.29 31.95 -6.88
CA ASP D 143 -0.23 32.45 -8.15
C ASP D 143 0.52 33.68 -8.65
N CYS E 4 -16.21 13.22 36.81
CA CYS E 4 -15.45 12.11 37.41
C CYS E 4 -14.96 11.16 36.34
N SER E 5 -13.75 11.40 35.84
CA SER E 5 -13.19 10.61 34.74
C SER E 5 -11.67 10.63 34.84
N THR E 6 -11.10 9.48 35.21
CA THR E 6 -9.66 9.27 35.14
C THR E 6 -9.35 8.19 34.11
N LEU E 7 -8.26 8.39 33.38
CA LEU E 7 -7.85 7.47 32.32
C LEU E 7 -6.43 7.03 32.55
N VAL E 8 -6.21 5.72 32.64
CA VAL E 8 -4.88 5.16 32.82
C VAL E 8 -4.28 4.93 31.45
N LYS E 9 -3.38 5.81 31.04
CA LYS E 9 -2.95 5.86 29.65
C LYS E 9 -1.90 4.80 29.34
N GLY E 10 -0.72 4.91 29.96
CA GLY E 10 0.37 4.02 29.59
C GLY E 10 0.68 2.93 30.60
N VAL E 11 0.24 1.71 30.30
CA VAL E 11 0.49 0.55 31.14
C VAL E 11 0.41 -0.71 30.28
N ILE E 12 1.45 -1.54 30.31
CA ILE E 12 1.34 -2.85 29.68
C ILE E 12 0.40 -3.73 30.49
N TYR E 13 0.46 -3.60 31.82
CA TYR E 13 -0.34 -4.39 32.73
C TYR E 13 -0.77 -3.49 33.87
N GLY E 14 -1.87 -3.86 34.53
CA GLY E 14 -2.36 -3.09 35.65
C GLY E 14 -3.41 -3.81 36.47
N SER E 15 -3.22 -3.81 37.78
CA SER E 15 -4.16 -4.41 38.72
C SER E 15 -4.82 -3.29 39.51
N TYR E 16 -6.14 -3.23 39.44
CA TYR E 16 -6.91 -2.18 40.10
C TYR E 16 -8.00 -2.81 40.95
N SER E 17 -8.11 -2.36 42.19
CA SER E 17 -9.23 -2.70 43.04
C SER E 17 -10.42 -1.81 42.72
N VAL E 18 -11.61 -2.26 43.12
CA VAL E 18 -12.82 -1.48 42.87
C VAL E 18 -12.72 -0.12 43.56
N SER E 19 -12.13 -0.09 44.75
CA SER E 19 -11.95 1.18 45.46
C SER E 19 -10.93 2.06 44.76
N GLU E 20 -9.86 1.48 44.22
CA GLU E 20 -8.82 2.28 43.59
C GLU E 20 -9.28 2.87 42.27
N MET E 21 -9.98 2.09 41.46
CA MET E 21 -10.43 2.59 40.16
C MET E 21 -11.58 3.59 40.28
N PHE E 22 -12.28 3.61 41.41
CA PHE E 22 -13.33 4.60 41.68
C PHE E 22 -13.10 5.21 43.06
N PRO E 23 -12.10 6.08 43.18
CA PRO E 23 -11.80 6.71 44.48
C PRO E 23 -12.60 8.01 44.69
N LYS E 24 -13.91 7.92 44.53
CA LYS E 24 -14.79 9.07 44.73
C LYS E 24 -16.05 8.62 45.45
N ASN E 25 -16.54 9.50 46.34
CA ASN E 25 -17.77 9.18 47.07
C ASN E 25 -18.96 9.06 46.13
N PHE E 26 -19.02 9.90 45.11
CA PHE E 26 -20.11 9.85 44.14
C PHE E 26 -20.11 8.51 43.43
N THR E 27 -21.29 7.88 43.34
CA THR E 27 -21.38 6.56 42.73
C THR E 27 -21.30 6.62 41.20
N ASN E 28 -21.35 7.80 40.60
CA ASN E 28 -21.29 7.96 39.15
C ASN E 28 -19.89 8.39 38.75
N CYS E 29 -19.07 7.43 38.34
CA CYS E 29 -17.70 7.70 37.91
C CYS E 29 -17.34 6.73 36.79
N THR E 30 -16.40 7.15 35.95
CA THR E 30 -15.93 6.35 34.83
C THR E 30 -14.43 6.11 34.95
N TRP E 31 -14.02 4.86 34.80
CA TRP E 31 -12.61 4.48 34.76
C TRP E 31 -12.27 4.01 33.35
N THR E 32 -11.22 4.59 32.78
CA THR E 32 -10.90 4.41 31.38
C THR E 32 -9.47 3.91 31.20
N LEU E 33 -9.26 3.13 30.15
CA LEU E 33 -7.96 2.56 29.80
C LEU E 33 -7.75 2.73 28.30
N GLU E 34 -6.78 3.56 27.93
CA GLU E 34 -6.56 3.86 26.53
C GLU E 34 -5.63 2.83 25.90
N ASN E 35 -6.09 2.20 24.83
CA ASN E 35 -5.24 1.28 24.07
C ASN E 35 -4.20 2.10 23.32
N PRO E 36 -2.90 1.91 23.58
CA PRO E 36 -1.91 2.75 22.90
C PRO E 36 -1.93 2.63 21.38
N ASP E 37 -2.18 1.44 20.86
CA ASP E 37 -2.22 1.26 19.41
C ASP E 37 -3.01 0.03 19.03
N PRO E 38 -4.28 0.19 18.62
CA PRO E 38 -5.07 -0.99 18.25
C PRO E 38 -4.55 -1.73 17.02
N THR E 39 -3.78 -1.06 16.16
CA THR E 39 -3.11 -1.77 15.07
C THR E 39 -2.12 -2.79 15.61
N LYS E 40 -1.58 -2.54 16.81
CA LYS E 40 -0.52 -3.36 17.38
C LYS E 40 -0.95 -4.14 18.61
N TYR E 41 -1.87 -3.61 19.42
CA TYR E 41 -2.18 -4.17 20.73
C TYR E 41 -3.65 -4.52 20.86
N SER E 42 -3.91 -5.61 21.59
CA SER E 42 -5.26 -6.02 21.96
C SER E 42 -5.34 -6.11 23.47
N ILE E 43 -6.29 -5.38 24.06
CA ILE E 43 -6.40 -5.29 25.51
C ILE E 43 -7.31 -6.41 26.00
N TYR E 44 -6.80 -7.21 26.94
CA TYR E 44 -7.56 -8.29 27.55
C TYR E 44 -7.91 -7.90 28.98
N LEU E 45 -9.18 -8.05 29.33
CA LEU E 45 -9.66 -7.68 30.66
C LEU E 45 -9.97 -8.92 31.48
N LYS E 46 -9.79 -8.79 32.79
CA LYS E 46 -10.04 -9.88 33.73
C LYS E 46 -10.80 -9.32 34.93
N PHE E 47 -11.91 -9.97 35.29
CA PHE E 47 -12.77 -9.52 36.36
C PHE E 47 -12.85 -10.56 37.46
N SER E 48 -12.69 -10.11 38.71
CA SER E 48 -12.73 -10.97 39.89
C SER E 48 -13.99 -10.63 40.67
N LYS E 49 -14.84 -11.64 40.90
CA LYS E 49 -16.05 -11.50 41.69
C LYS E 49 -15.92 -12.18 43.06
N LYS E 50 -14.70 -12.40 43.53
CA LYS E 50 -14.51 -13.05 44.82
C LYS E 50 -15.07 -12.19 45.96
N ASP E 51 -14.84 -10.88 45.92
CA ASP E 51 -15.37 -9.97 46.91
C ASP E 51 -16.18 -8.83 46.29
N LEU E 52 -16.29 -8.80 44.96
CA LEU E 52 -17.07 -7.75 44.31
C LEU E 52 -18.55 -7.93 44.61
N SER E 53 -19.23 -6.82 44.88
CA SER E 53 -20.65 -6.81 45.20
C SER E 53 -21.34 -5.71 44.42
N CYS E 54 -22.64 -5.90 44.16
CA CYS E 54 -23.45 -4.92 43.46
C CYS E 54 -24.76 -4.69 44.19
N SER E 55 -24.69 -4.50 45.51
CA SER E 55 -25.90 -4.21 46.27
C SER E 55 -26.48 -2.86 45.88
N ASN E 56 -25.64 -1.85 45.73
CA ASN E 56 -26.07 -0.51 45.36
C ASN E 56 -25.14 0.09 44.31
N PHE E 57 -24.63 -0.75 43.41
CA PHE E 57 -23.71 -0.31 42.38
C PHE E 57 -23.95 -1.11 41.11
N SER E 58 -23.82 -0.45 39.96
CA SER E 58 -23.98 -1.08 38.66
C SER E 58 -22.64 -1.08 37.95
N LEU E 59 -22.22 -2.24 37.45
CA LEU E 59 -20.95 -2.39 36.74
C LEU E 59 -21.23 -2.55 35.25
N LEU E 60 -20.90 -1.52 34.47
CA LEU E 60 -21.09 -1.52 33.03
C LEU E 60 -19.74 -1.59 32.36
N ALA E 61 -19.52 -2.64 31.57
CA ALA E 61 -18.27 -2.84 30.85
C ALA E 61 -18.54 -2.68 29.36
N TYR E 62 -17.85 -1.73 28.72
CA TYR E 62 -18.06 -1.47 27.31
C TYR E 62 -16.80 -0.86 26.73
N GLN E 63 -16.81 -0.66 25.42
CA GLN E 63 -15.69 -0.09 24.67
C GLN E 63 -16.23 0.96 23.73
N PHE E 64 -15.33 1.82 23.25
CA PHE E 64 -15.69 2.78 22.22
C PHE E 64 -14.41 3.21 21.51
N ASP E 65 -14.54 4.22 20.66
CA ASP E 65 -13.43 4.73 19.86
C ASP E 65 -13.04 6.15 20.20
N HIS E 66 -13.99 7.02 20.54
CA HIS E 66 -13.68 8.40 20.82
C HIS E 66 -14.51 8.89 22.00
N PHE E 67 -14.00 9.92 22.68
CA PHE E 67 -14.69 10.51 23.82
C PHE E 67 -15.89 11.34 23.33
N SER E 68 -17.09 10.85 23.61
CA SER E 68 -18.31 11.57 23.27
C SER E 68 -19.43 11.05 24.17
N HIS E 69 -20.02 11.93 24.97
CA HIS E 69 -21.06 11.51 25.91
C HIS E 69 -22.26 10.94 25.17
N GLU E 70 -22.63 11.55 24.04
CA GLU E 70 -23.75 11.03 23.26
C GLU E 70 -23.47 9.61 22.79
N LYS E 71 -22.22 9.30 22.45
CA LYS E 71 -21.88 7.94 22.05
C LYS E 71 -22.11 6.96 23.19
N ILE E 72 -21.70 7.33 24.41
CA ILE E 72 -21.91 6.45 25.56
C ILE E 72 -23.40 6.27 25.84
N LYS E 73 -24.17 7.36 25.74
CA LYS E 73 -25.61 7.25 25.95
C LYS E 73 -26.26 6.36 24.92
N ASP E 74 -25.88 6.50 23.65
CA ASP E 74 -26.46 5.67 22.60
C ASP E 74 -26.07 4.20 22.76
N LEU E 75 -24.82 3.94 23.16
CA LEU E 75 -24.40 2.57 23.42
C LEU E 75 -25.18 1.97 24.59
N LEU E 76 -25.40 2.76 25.65
CA LEU E 76 -26.16 2.27 26.78
C LEU E 76 -27.61 1.99 26.40
N ARG E 77 -28.21 2.88 25.60
CA ARG E 77 -29.58 2.65 25.14
C ARG E 77 -29.66 1.47 24.19
N LYS E 78 -28.55 1.14 23.53
CA LYS E 78 -28.52 -0.07 22.71
C LYS E 78 -28.69 -1.31 23.59
N ASN E 79 -27.79 -1.48 24.57
CA ASN E 79 -27.91 -2.52 25.60
C ASN E 79 -28.08 -3.91 24.99
N HIS E 80 -27.42 -4.16 23.85
CA HIS E 80 -27.46 -5.46 23.20
C HIS E 80 -26.16 -6.23 23.31
N SER E 81 -25.03 -5.56 23.61
CA SER E 81 -23.76 -6.24 23.77
C SER E 81 -22.95 -5.72 24.95
N ILE E 82 -23.51 -4.86 25.79
CA ILE E 82 -22.79 -4.34 26.95
C ILE E 82 -22.70 -5.42 28.02
N MET E 83 -21.50 -5.62 28.55
CA MET E 83 -21.29 -6.67 29.53
C MET E 83 -21.92 -6.30 30.88
N GLN E 84 -22.56 -7.28 31.51
CA GLN E 84 -23.13 -7.14 32.84
C GLN E 84 -22.23 -7.89 33.81
N LEU E 85 -21.29 -7.16 34.42
CA LEU E 85 -20.36 -7.80 35.34
C LEU E 85 -21.07 -8.37 36.55
N CYS E 86 -22.06 -7.65 37.07
CA CYS E 86 -22.79 -8.10 38.25
C CYS E 86 -23.59 -9.36 37.97
N SER E 87 -24.15 -9.47 36.76
CA SER E 87 -25.00 -10.58 36.38
C SER E 87 -24.26 -11.67 35.62
N SER E 88 -23.00 -11.90 35.98
CA SER E 88 -22.18 -12.93 35.34
C SER E 88 -22.15 -14.16 36.23
N LYS E 89 -22.51 -15.31 35.66
CA LYS E 89 -22.59 -16.54 36.44
C LYS E 89 -21.22 -17.01 36.92
N ASN E 90 -20.24 -17.01 36.02
CA ASN E 90 -18.90 -17.46 36.38
C ASN E 90 -18.22 -16.46 37.31
N ALA E 91 -17.39 -16.97 38.21
CA ALA E 91 -16.70 -16.11 39.16
C ALA E 91 -15.74 -15.15 38.47
N PHE E 92 -15.00 -15.64 37.48
CA PHE E 92 -14.02 -14.85 36.75
C PHE E 92 -14.55 -14.54 35.36
N VAL E 93 -14.44 -13.28 34.95
CA VAL E 93 -14.92 -12.81 33.66
C VAL E 93 -13.73 -12.38 32.83
N PHE E 94 -13.58 -12.98 31.66
CA PHE E 94 -12.51 -12.63 30.72
C PHE E 94 -13.10 -11.97 29.50
N LEU E 95 -12.60 -10.77 29.17
CA LEU E 95 -13.09 -10.00 28.04
C LEU E 95 -11.93 -9.52 27.20
N GLN E 96 -12.16 -9.44 25.90
CA GLN E 96 -11.18 -8.93 24.94
C GLN E 96 -11.76 -7.70 24.26
N TYR E 97 -10.95 -6.67 24.13
CA TYR E 97 -11.40 -5.40 23.59
C TYR E 97 -10.35 -4.87 22.62
N ASP E 98 -10.54 -5.16 21.33
CA ASP E 98 -9.61 -4.71 20.30
C ASP E 98 -10.02 -3.36 19.73
N LYS E 99 -10.31 -2.40 20.61
CA LYS E 99 -10.77 -1.08 20.19
C LYS E 99 -9.99 -0.01 20.95
N ASN E 100 -10.10 1.22 20.45
CA ASN E 100 -9.17 2.26 20.87
C ASN E 100 -9.27 2.56 22.35
N PHE E 101 -10.48 2.53 22.92
CA PHE E 101 -10.69 2.85 24.32
C PHE E 101 -11.45 1.74 25.02
N ILE E 102 -11.17 1.59 26.30
CA ILE E 102 -11.96 0.75 27.21
C ILE E 102 -12.31 1.60 28.41
N GLN E 103 -13.60 1.65 28.74
CA GLN E 103 -14.06 2.42 29.89
C GLN E 103 -14.97 1.55 30.74
N ILE E 104 -14.75 1.58 32.05
CA ILE E 104 -15.64 0.95 33.02
C ILE E 104 -16.22 2.06 33.88
N ARG E 105 -17.54 2.16 33.90
CA ARG E 105 -18.23 3.19 34.65
C ARG E 105 -18.96 2.58 35.83
N ARG E 106 -19.13 3.38 36.87
CA ARG E 106 -19.84 2.97 38.07
C ARG E 106 -21.18 3.68 38.13
N VAL E 107 -22.24 2.92 38.40
CA VAL E 107 -23.56 3.50 38.56
C VAL E 107 -24.17 3.05 39.87
N SER E 125 -11.91 -7.59 45.82
CA SER E 125 -12.57 -7.16 44.60
C SER E 125 -11.66 -6.27 43.75
N PHE E 126 -10.98 -6.86 42.79
CA PHE E 126 -10.07 -6.14 41.92
C PHE E 126 -10.32 -6.59 40.49
N PHE E 127 -9.57 -6.02 39.56
CA PHE E 127 -9.60 -6.46 38.17
C PHE E 127 -8.28 -6.05 37.52
N GLU E 128 -7.77 -6.91 36.64
CA GLU E 128 -6.49 -6.71 35.98
C GLU E 128 -6.68 -6.79 34.48
N PHE E 129 -5.95 -5.94 33.75
CA PHE E 129 -5.97 -5.92 32.30
C PHE E 129 -4.56 -6.22 31.78
N LEU E 130 -4.45 -6.25 30.45
CA LEU E 130 -3.19 -6.61 29.81
C LEU E 130 -3.19 -6.02 28.40
N VAL E 131 -2.27 -5.09 28.14
CA VAL E 131 -2.09 -4.53 26.79
C VAL E 131 -1.08 -5.43 26.08
N LEU E 132 -1.60 -6.47 25.44
CA LEU E 132 -0.75 -7.43 24.74
C LEU E 132 -0.43 -6.95 23.34
N ASN E 133 0.73 -7.37 22.83
CA ASN E 133 1.11 -7.11 21.45
C ASN E 133 0.45 -8.15 20.56
N LYS E 134 -0.26 -7.68 19.53
CA LYS E 134 -1.14 -8.57 18.76
C LYS E 134 -0.35 -9.63 18.02
N VAL E 135 0.76 -9.26 17.39
CA VAL E 135 1.48 -10.14 16.47
C VAL E 135 2.76 -10.67 17.08
N SER E 136 3.43 -9.88 17.92
CA SER E 136 4.67 -10.29 18.58
C SER E 136 4.51 -10.07 20.08
N PRO E 137 3.76 -10.95 20.75
CA PRO E 137 3.55 -10.78 22.19
C PRO E 137 4.85 -10.89 22.97
N SER E 138 4.99 -10.01 23.96
CA SER E 138 6.20 -10.01 24.77
C SER E 138 6.21 -11.21 25.72
N GLN E 139 7.38 -11.47 26.30
CA GLN E 139 7.53 -12.60 27.20
C GLN E 139 6.64 -12.44 28.43
N PHE E 140 6.61 -11.25 29.01
CA PHE E 140 5.73 -11.01 30.16
C PHE E 140 4.27 -11.05 29.76
N GLY E 141 3.93 -10.45 28.61
CA GLY E 141 2.55 -10.38 28.21
C GLY E 141 1.92 -11.75 27.99
N CYS E 142 2.63 -12.63 27.30
CA CYS E 142 2.10 -13.97 27.08
C CYS E 142 2.11 -14.79 28.37
N HIS E 143 3.01 -14.47 29.30
CA HIS E 143 3.02 -15.16 30.58
C HIS E 143 1.78 -14.82 31.40
N VAL E 144 1.39 -13.54 31.42
CA VAL E 144 0.20 -13.13 32.16
C VAL E 144 -1.04 -13.78 31.57
N LEU E 145 -1.13 -13.81 30.24
CA LEU E 145 -2.28 -14.41 29.59
C LEU E 145 -2.34 -15.91 29.83
N CYS E 146 -1.19 -16.58 29.90
CA CYS E 146 -1.18 -18.01 30.17
C CYS E 146 -1.68 -18.31 31.57
N THR E 147 -1.48 -17.38 32.51
CA THR E 147 -2.04 -17.54 33.84
C THR E 147 -3.55 -17.30 33.83
N TRP E 148 -4.02 -16.42 32.96
CA TRP E 148 -5.46 -16.19 32.84
C TRP E 148 -6.14 -17.36 32.14
N LEU E 149 -5.37 -18.26 31.53
CA LEU E 149 -5.93 -19.40 30.82
C LEU E 149 -6.66 -20.33 31.77
N GLU E 150 -6.43 -20.17 33.07
CA GLU E 150 -7.11 -20.97 34.07
C GLU E 150 -8.53 -20.44 34.29
N SER E 151 -9.37 -20.55 33.27
CA SER E 151 -10.75 -20.10 33.39
C SER E 151 -11.56 -21.04 34.26
N CYS E 152 -11.42 -22.35 34.04
CA CYS E 152 -12.22 -23.34 34.74
C CYS E 152 -11.37 -24.56 35.11
N CYS E 163 -16.44 -24.06 29.16
CA CYS E 163 -15.98 -22.70 29.38
C CYS E 163 -15.25 -22.17 28.14
N GLY E 164 -15.85 -21.20 27.47
CA GLY E 164 -15.29 -20.63 26.26
C GLY E 164 -14.51 -19.37 26.53
N ILE E 165 -13.28 -19.32 26.02
CA ILE E 165 -12.36 -18.21 26.24
C ILE E 165 -11.76 -17.80 24.90
N MET E 166 -11.19 -16.60 24.87
CA MET E 166 -10.47 -16.08 23.73
C MET E 166 -8.98 -16.02 24.06
N TYR E 167 -8.17 -16.73 23.30
CA TYR E 167 -6.73 -16.73 23.47
C TYR E 167 -6.06 -16.37 22.14
N THR E 168 -4.81 -15.91 22.25
CA THR E 168 -4.08 -15.37 21.11
C THR E 168 -3.15 -16.42 20.52
N LYS E 169 -2.32 -16.00 19.58
CA LYS E 169 -1.44 -16.93 18.87
C LYS E 169 -0.43 -17.56 19.82
N CYS E 170 0.16 -16.76 20.73
CA CYS E 170 1.22 -17.27 21.58
C CYS E 170 0.72 -18.40 22.46
N THR E 171 1.42 -19.52 22.44
CA THR E 171 0.96 -20.72 23.13
C THR E 171 1.84 -20.99 24.35
N CYS E 172 1.20 -21.44 25.43
CA CYS E 172 1.88 -21.78 26.66
C CYS E 172 1.07 -22.81 27.44
N PRO E 173 1.70 -23.91 27.87
CA PRO E 173 1.06 -24.97 28.65
C PRO E 173 0.45 -24.47 29.96
N CYS F 4 41.34 -9.10 -1.99
CA CYS F 4 40.97 -9.94 -3.12
C CYS F 4 39.46 -10.13 -3.20
N SER F 5 38.78 -9.25 -3.93
CA SER F 5 37.31 -9.29 -3.99
C SER F 5 36.88 -8.70 -5.33
N THR F 6 36.38 -9.57 -6.21
CA THR F 6 35.72 -9.15 -7.44
C THR F 6 34.25 -9.55 -7.40
N LEU F 7 33.40 -8.67 -7.92
CA LEU F 7 31.95 -8.88 -7.91
C LEU F 7 31.41 -8.76 -9.32
N VAL F 8 30.72 -9.79 -9.78
CA VAL F 8 30.12 -9.80 -11.10
C VAL F 8 28.71 -9.23 -10.98
N LYS F 9 28.54 -7.97 -11.37
CA LYS F 9 27.32 -7.25 -11.04
C LYS F 9 26.18 -7.59 -11.98
N GLY F 10 26.32 -7.26 -13.27
CA GLY F 10 25.20 -7.42 -14.19
C GLY F 10 25.33 -8.58 -15.14
N VAL F 11 24.61 -9.67 -14.85
CA VAL F 11 24.58 -10.85 -15.71
C VAL F 11 23.30 -11.61 -15.45
N ILE F 12 22.54 -11.90 -16.50
CA ILE F 12 21.41 -12.81 -16.35
C ILE F 12 21.91 -14.24 -16.10
N TYR F 13 22.99 -14.60 -16.79
CA TYR F 13 23.58 -15.93 -16.70
C TYR F 13 25.10 -15.78 -16.73
N GLY F 14 25.79 -16.76 -16.20
CA GLY F 14 27.24 -16.74 -16.20
C GLY F 14 27.87 -18.06 -15.86
N SER F 15 28.83 -18.49 -16.68
CA SER F 15 29.58 -19.71 -16.46
C SER F 15 31.00 -19.34 -16.06
N TYR F 16 31.43 -19.79 -14.89
CA TYR F 16 32.74 -19.47 -14.36
C TYR F 16 33.46 -20.74 -13.96
N SER F 17 34.70 -20.87 -14.41
CA SER F 17 35.57 -21.94 -13.94
C SER F 17 36.19 -21.55 -12.60
N VAL F 18 36.69 -22.56 -11.88
CA VAL F 18 37.31 -22.31 -10.59
C VAL F 18 38.52 -21.40 -10.75
N SER F 19 39.26 -21.58 -11.84
CA SER F 19 40.41 -20.71 -12.10
C SER F 19 39.98 -19.29 -12.46
N GLU F 20 38.87 -19.16 -13.20
CA GLU F 20 38.45 -17.83 -13.63
C GLU F 20 37.88 -17.02 -12.47
N MET F 21 37.07 -17.65 -11.62
CA MET F 21 36.47 -16.91 -10.51
C MET F 21 37.47 -16.60 -9.41
N PHE F 22 38.61 -17.27 -9.38
CA PHE F 22 39.69 -16.99 -8.44
C PHE F 22 41.01 -16.88 -9.19
N PRO F 23 41.22 -15.78 -9.93
CA PRO F 23 42.46 -15.62 -10.71
C PRO F 23 43.57 -14.95 -9.91
N LYS F 24 43.87 -15.51 -8.74
CA LYS F 24 44.93 -15.00 -7.88
C LYS F 24 45.67 -16.15 -7.24
N ASN F 25 47.00 -15.97 -7.08
CA ASN F 25 47.81 -17.01 -6.46
C ASN F 25 47.42 -17.23 -5.01
N PHE F 26 47.09 -16.15 -4.30
CA PHE F 26 46.67 -16.26 -2.91
C PHE F 26 45.41 -17.11 -2.81
N THR F 27 45.42 -18.07 -1.89
CA THR F 27 44.28 -18.97 -1.74
C THR F 27 43.09 -18.32 -1.05
N ASN F 28 43.25 -17.12 -0.50
CA ASN F 28 42.17 -16.42 0.21
C ASN F 28 41.61 -15.34 -0.70
N CYS F 29 40.50 -15.65 -1.36
CA CYS F 29 39.84 -14.72 -2.26
C CYS F 29 38.33 -14.96 -2.19
N THR F 30 37.57 -13.92 -2.52
CA THR F 30 36.11 -13.97 -2.51
C THR F 30 35.58 -13.62 -3.88
N TRP F 31 34.65 -14.44 -4.37
CA TRP F 31 33.95 -14.18 -5.63
C TRP F 31 32.49 -13.91 -5.31
N THR F 32 31.98 -12.78 -5.82
CA THR F 32 30.67 -12.29 -5.43
C THR F 32 29.79 -12.08 -6.66
N LEU F 33 28.49 -12.25 -6.47
CA LEU F 33 27.47 -12.08 -7.50
C LEU F 33 26.32 -11.29 -6.92
N GLU F 34 26.12 -10.07 -7.38
CA GLU F 34 25.09 -9.20 -6.84
C GLU F 34 23.75 -9.47 -7.50
N ASN F 35 22.74 -9.78 -6.70
CA ASN F 35 21.38 -9.93 -7.23
C ASN F 35 20.84 -8.55 -7.59
N PRO F 36 20.50 -8.29 -8.85
CA PRO F 36 20.05 -6.94 -9.22
C PRO F 36 18.81 -6.50 -8.46
N ASP F 37 17.87 -7.40 -8.21
CA ASP F 37 16.67 -7.02 -7.49
C ASP F 37 16.01 -8.24 -6.86
N PRO F 38 16.21 -8.46 -5.54
CA PRO F 38 15.58 -9.62 -4.90
C PRO F 38 14.07 -9.57 -4.89
N THR F 39 13.46 -8.38 -4.97
CA THR F 39 12.01 -8.31 -5.14
C THR F 39 11.58 -8.97 -6.44
N LYS F 40 12.45 -8.98 -7.44
CA LYS F 40 12.11 -9.45 -8.77
C LYS F 40 12.82 -10.72 -9.18
N TYR F 41 14.05 -10.95 -8.71
CA TYR F 41 14.88 -12.04 -9.21
C TYR F 41 15.32 -12.97 -8.08
N SER F 42 15.43 -14.26 -8.42
CA SER F 42 15.97 -15.27 -7.53
C SER F 42 17.15 -15.94 -8.22
N ILE F 43 18.30 -15.93 -7.57
CA ILE F 43 19.53 -16.43 -8.17
C ILE F 43 19.66 -17.92 -7.85
N TYR F 44 19.81 -18.74 -8.88
CA TYR F 44 19.99 -20.17 -8.75
C TYR F 44 21.43 -20.52 -9.08
N LEU F 45 22.08 -21.26 -8.20
CA LEU F 45 23.47 -21.63 -8.38
C LEU F 45 23.60 -23.11 -8.74
N LYS F 46 24.62 -23.41 -9.55
CA LYS F 46 24.88 -24.77 -9.99
C LYS F 46 26.36 -25.06 -9.83
N PHE F 47 26.68 -26.17 -9.19
CA PHE F 47 28.06 -26.55 -8.89
C PHE F 47 28.41 -27.87 -9.57
N SER F 48 29.55 -27.88 -10.26
CA SER F 48 30.04 -29.06 -10.97
C SER F 48 31.26 -29.59 -10.23
N LYS F 49 31.18 -30.85 -9.79
CA LYS F 49 32.29 -31.52 -9.14
C LYS F 49 32.95 -32.57 -10.03
N LYS F 50 32.78 -32.44 -11.35
CA LYS F 50 33.40 -33.40 -12.26
C LYS F 50 34.93 -33.34 -12.18
N ASP F 51 35.48 -32.14 -12.12
CA ASP F 51 36.92 -31.95 -11.98
C ASP F 51 37.27 -31.09 -10.78
N LEU F 52 36.28 -30.61 -10.02
CA LEU F 52 36.56 -29.81 -8.84
C LEU F 52 37.20 -30.65 -7.76
N SER F 53 38.26 -30.12 -7.14
CA SER F 53 39.00 -30.81 -6.10
C SER F 53 39.21 -29.87 -4.92
N CYS F 54 39.34 -30.44 -3.73
CA CYS F 54 39.59 -29.68 -2.50
C CYS F 54 40.73 -30.30 -1.72
N SER F 55 41.84 -30.61 -2.40
CA SER F 55 43.01 -31.14 -1.70
C SER F 55 43.60 -30.10 -0.76
N ASN F 56 43.72 -28.86 -1.22
CA ASN F 56 44.28 -27.78 -0.40
C ASN F 56 43.45 -26.51 -0.57
N PHE F 57 42.14 -26.66 -0.71
CA PHE F 57 41.24 -25.53 -0.89
C PHE F 57 39.92 -25.81 -0.20
N SER F 58 39.32 -24.78 0.39
CA SER F 58 38.04 -24.87 1.05
C SER F 58 37.02 -24.05 0.28
N LEU F 59 35.89 -24.67 -0.06
CA LEU F 59 34.82 -24.01 -0.81
C LEU F 59 33.66 -23.71 0.13
N LEU F 60 33.47 -22.43 0.43
CA LEU F 60 32.41 -21.96 1.31
C LEU F 60 31.38 -21.22 0.47
N ALA F 61 30.14 -21.72 0.50
CA ALA F 61 29.04 -21.12 -0.24
C ALA F 61 28.05 -20.54 0.76
N TYR F 62 27.80 -19.23 0.66
CA TYR F 62 26.90 -18.56 1.58
C TYR F 62 26.32 -17.32 0.90
N GLN F 63 25.40 -16.67 1.60
CA GLN F 63 24.74 -15.47 1.12
C GLN F 63 24.73 -14.44 2.24
N PHE F 64 24.47 -13.20 1.87
CA PHE F 64 24.30 -12.15 2.85
C PHE F 64 23.52 -11.01 2.20
N ASP F 65 23.43 -9.89 2.92
CA ASP F 65 22.68 -8.73 2.46
C ASP F 65 23.54 -7.49 2.23
N HIS F 66 24.59 -7.30 3.00
CA HIS F 66 25.43 -6.13 2.88
C HIS F 66 26.89 -6.49 3.08
N PHE F 67 27.77 -5.69 2.49
CA PHE F 67 29.21 -5.89 2.62
C PHE F 67 29.67 -5.50 4.02
N SER F 68 30.05 -6.50 4.82
CA SER F 68 30.57 -6.25 6.16
C SER F 68 31.39 -7.47 6.58
N HIS F 69 32.67 -7.26 6.85
CA HIS F 69 33.55 -8.37 7.21
C HIS F 69 33.09 -9.06 8.48
N GLU F 70 32.64 -8.27 9.46
CA GLU F 70 32.15 -8.86 10.70
C GLU F 70 30.94 -9.75 10.43
N LYS F 71 30.09 -9.37 9.48
CA LYS F 71 28.95 -10.20 9.15
C LYS F 71 29.40 -11.55 8.58
N ILE F 72 30.40 -11.54 7.71
CA ILE F 72 30.91 -12.78 7.13
C ILE F 72 31.54 -13.65 8.22
N LYS F 73 32.30 -13.03 9.13
CA LYS F 73 32.91 -13.78 10.22
C LYS F 73 31.85 -14.41 11.12
N ASP F 74 30.81 -13.65 11.46
CA ASP F 74 29.75 -14.17 12.32
C ASP F 74 28.98 -15.29 11.63
N LEU F 75 28.72 -15.14 10.32
CA LEU F 75 28.05 -16.21 9.58
C LEU F 75 28.90 -17.46 9.54
N LEU F 76 30.22 -17.31 9.35
CA LEU F 76 31.11 -18.47 9.33
C LEU F 76 31.16 -19.14 10.69
N ARG F 77 31.22 -18.35 11.76
CA ARG F 77 31.23 -18.92 13.10
C ARG F 77 29.91 -19.58 13.44
N LYS F 78 28.82 -19.14 12.81
CA LYS F 78 27.53 -19.81 12.99
C LYS F 78 27.60 -21.24 12.49
N ASN F 79 28.06 -21.43 11.25
CA ASN F 79 28.39 -22.75 10.70
C ASN F 79 27.23 -23.73 10.83
N HIS F 80 26.00 -23.22 10.72
CA HIS F 80 24.82 -24.06 10.82
C HIS F 80 24.07 -24.23 9.49
N SER F 81 24.27 -23.33 8.53
CA SER F 81 23.61 -23.45 7.24
C SER F 81 24.53 -23.13 6.07
N ILE F 82 25.84 -22.97 6.29
CA ILE F 82 26.77 -22.69 5.21
C ILE F 82 27.02 -23.97 4.41
N MET F 83 26.93 -23.86 3.09
CA MET F 83 27.08 -25.03 2.24
C MET F 83 28.54 -25.46 2.17
N GLN F 84 28.74 -26.78 2.23
CA GLN F 84 30.06 -27.39 2.09
C GLN F 84 30.13 -28.02 0.71
N LEU F 85 30.66 -27.28 -0.26
CA LEU F 85 30.73 -27.78 -1.63
C LEU F 85 31.62 -29.01 -1.72
N CYS F 86 32.74 -29.00 -1.00
CA CYS F 86 33.67 -30.13 -1.06
C CYS F 86 33.06 -31.39 -0.48
N SER F 87 32.26 -31.25 0.58
CA SER F 87 31.67 -32.39 1.27
C SER F 87 30.25 -32.69 0.81
N SER F 88 29.97 -32.50 -0.47
CA SER F 88 28.66 -32.76 -1.04
C SER F 88 28.69 -34.12 -1.74
N LYS F 89 27.77 -35.01 -1.36
CA LYS F 89 27.77 -36.36 -1.90
C LYS F 89 27.43 -36.38 -3.39
N ASN F 90 26.41 -35.63 -3.80
CA ASN F 90 26.00 -35.61 -5.20
C ASN F 90 27.03 -34.88 -6.04
N ALA F 91 27.17 -35.33 -7.30
CA ALA F 91 28.15 -34.71 -8.20
C ALA F 91 27.78 -33.26 -8.50
N PHE F 92 26.51 -32.98 -8.72
CA PHE F 92 26.03 -31.64 -9.04
C PHE F 92 25.27 -31.07 -7.85
N VAL F 93 25.60 -29.84 -7.48
CA VAL F 93 24.99 -29.16 -6.35
C VAL F 93 24.15 -28.01 -6.88
N PHE F 94 22.86 -28.01 -6.52
CA PHE F 94 21.93 -26.96 -6.91
C PHE F 94 21.52 -26.18 -5.67
N LEU F 95 21.69 -24.86 -5.73
CA LEU F 95 21.37 -23.99 -4.61
C LEU F 95 20.56 -22.81 -5.09
N GLN F 96 19.64 -22.36 -4.24
CA GLN F 96 18.81 -21.19 -4.51
C GLN F 96 19.11 -20.13 -3.46
N TYR F 97 19.30 -18.89 -3.89
CA TYR F 97 19.69 -17.81 -3.00
C TYR F 97 18.82 -16.59 -3.30
N ASP F 98 17.73 -16.44 -2.56
CA ASP F 98 16.83 -15.30 -2.74
C ASP F 98 17.23 -14.13 -1.85
N LYS F 99 18.50 -13.77 -1.85
CA LYS F 99 19.01 -12.71 -1.01
C LYS F 99 19.89 -11.78 -1.84
N ASN F 100 20.15 -10.61 -1.29
CA ASN F 100 20.69 -9.51 -2.08
C ASN F 100 22.05 -9.86 -2.69
N PHE F 101 22.91 -10.52 -1.93
CA PHE F 101 24.26 -10.86 -2.39
C PHE F 101 24.52 -12.35 -2.29
N ILE F 102 25.33 -12.85 -3.20
CA ILE F 102 25.87 -14.19 -3.14
C ILE F 102 27.39 -14.08 -3.28
N GLN F 103 28.12 -14.68 -2.35
CA GLN F 103 29.57 -14.65 -2.39
C GLN F 103 30.09 -16.06 -2.19
N ILE F 104 31.07 -16.44 -3.01
CA ILE F 104 31.81 -17.68 -2.86
C ILE F 104 33.25 -17.31 -2.59
N ARG F 105 33.78 -17.77 -1.45
CA ARG F 105 35.14 -17.46 -1.06
C ARG F 105 36.00 -18.71 -1.14
N ARG F 106 37.29 -18.50 -1.37
CA ARG F 106 38.27 -19.57 -1.44
C ARG F 106 39.12 -19.55 -0.19
N VAL F 107 39.30 -20.71 0.43
CA VAL F 107 40.15 -20.82 1.60
C VAL F 107 41.17 -21.95 1.40
N SER F 125 36.21 -28.12 -13.98
CA SER F 125 35.65 -27.60 -12.75
C SER F 125 35.15 -26.17 -12.92
N PHE F 126 33.85 -26.03 -13.13
CA PHE F 126 33.23 -24.72 -13.31
C PHE F 126 31.96 -24.67 -12.47
N PHE F 127 31.28 -23.53 -12.53
CA PHE F 127 29.98 -23.40 -11.89
C PHE F 127 29.23 -22.28 -12.61
N GLU F 128 27.92 -22.46 -12.77
CA GLU F 128 27.07 -21.53 -13.49
C GLU F 128 25.91 -21.11 -12.60
N PHE F 129 25.54 -19.83 -12.72
CA PHE F 129 24.40 -19.28 -11.99
C PHE F 129 23.35 -18.78 -12.98
N LEU F 130 22.24 -18.29 -12.43
CA LEU F 130 21.12 -17.86 -13.26
C LEU F 130 20.31 -16.85 -12.46
N VAL F 131 20.28 -15.60 -12.93
CA VAL F 131 19.45 -14.56 -12.32
C VAL F 131 18.08 -14.64 -12.98
N LEU F 132 17.22 -15.49 -12.43
CA LEU F 132 15.90 -15.70 -12.98
C LEU F 132 14.91 -14.66 -12.46
N ASN F 133 13.94 -14.31 -13.29
CA ASN F 133 12.85 -13.44 -12.88
C ASN F 133 11.84 -14.24 -12.09
N LYS F 134 11.51 -13.76 -10.89
CA LYS F 134 10.75 -14.57 -9.95
C LYS F 134 9.33 -14.85 -10.44
N VAL F 135 8.68 -13.86 -11.02
CA VAL F 135 7.26 -13.94 -11.35
C VAL F 135 7.03 -14.10 -12.84
N SER F 136 7.86 -13.47 -13.67
CA SER F 136 7.75 -13.55 -15.12
C SER F 136 9.08 -13.98 -15.69
N PRO F 137 9.43 -15.26 -15.55
CA PRO F 137 10.73 -15.73 -16.05
C PRO F 137 10.84 -15.59 -17.56
N SER F 138 12.01 -15.17 -18.01
CA SER F 138 12.25 -14.99 -19.43
C SER F 138 12.35 -16.34 -20.12
N GLN F 139 12.28 -16.31 -21.46
CA GLN F 139 12.35 -17.54 -22.23
C GLN F 139 13.70 -18.23 -22.04
N PHE F 140 14.79 -17.47 -22.08
CA PHE F 140 16.11 -18.05 -21.86
C PHE F 140 16.28 -18.49 -20.42
N GLY F 141 15.80 -17.69 -19.47
CA GLY F 141 15.99 -18.02 -18.06
C GLY F 141 15.34 -19.33 -17.67
N CYS F 142 14.09 -19.52 -18.07
CA CYS F 142 13.41 -20.77 -17.77
C CYS F 142 13.99 -21.93 -18.56
N HIS F 143 14.56 -21.65 -19.74
CA HIS F 143 15.21 -22.72 -20.50
C HIS F 143 16.45 -23.24 -19.80
N VAL F 144 17.27 -22.34 -19.25
CA VAL F 144 18.47 -22.76 -18.54
C VAL F 144 18.10 -23.59 -17.32
N LEU F 145 17.09 -23.14 -16.57
CA LEU F 145 16.67 -23.87 -15.37
C LEU F 145 16.09 -25.23 -15.73
N CYS F 146 15.40 -25.33 -16.88
CA CYS F 146 14.85 -26.62 -17.28
C CYS F 146 15.95 -27.60 -17.63
N THR F 147 17.11 -27.10 -18.05
CA THR F 147 18.26 -27.99 -18.26
C THR F 147 18.88 -28.40 -16.95
N TRP F 148 18.82 -27.54 -15.93
CA TRP F 148 19.34 -27.90 -14.62
C TRP F 148 18.41 -28.89 -13.92
N LEU F 149 17.21 -29.09 -14.46
CA LEU F 149 16.23 -30.00 -13.86
C LEU F 149 16.75 -31.43 -13.89
N GLU F 150 17.77 -31.69 -14.70
CA GLU F 150 18.40 -33.01 -14.75
C GLU F 150 19.31 -33.20 -13.55
N SER F 151 18.72 -33.22 -12.34
CA SER F 151 19.52 -33.44 -11.14
C SER F 151 19.98 -34.88 -11.03
N CYS F 152 19.08 -35.83 -11.30
CA CYS F 152 19.39 -37.25 -11.15
C CYS F 152 18.76 -38.06 -12.28
N CYS F 163 16.06 -37.39 -4.94
CA CYS F 163 16.78 -36.16 -5.20
C CYS F 163 15.85 -34.94 -5.12
N GLY F 164 16.00 -34.14 -4.08
CA GLY F 164 15.14 -32.98 -3.85
C GLY F 164 15.77 -31.72 -4.40
N ILE F 165 14.98 -31.00 -5.22
CA ILE F 165 15.43 -29.77 -5.86
C ILE F 165 14.37 -28.70 -5.66
N MET F 166 14.77 -27.45 -5.89
CA MET F 166 13.87 -26.31 -5.86
C MET F 166 13.67 -25.81 -7.29
N TYR F 167 12.43 -25.81 -7.76
CA TYR F 167 12.08 -25.28 -9.06
C TYR F 167 10.98 -24.22 -8.92
N THR F 168 10.86 -23.39 -9.94
CA THR F 168 10.02 -22.21 -9.90
C THR F 168 8.70 -22.46 -10.63
N LYS F 169 7.90 -21.40 -10.76
CA LYS F 169 6.57 -21.51 -11.34
C LYS F 169 6.62 -21.97 -12.79
N CYS F 170 7.57 -21.44 -13.57
CA CYS F 170 7.63 -21.77 -14.99
C CYS F 170 7.88 -23.26 -15.17
N THR F 171 7.05 -23.90 -15.99
CA THR F 171 7.12 -25.34 -16.17
C THR F 171 7.64 -25.69 -17.55
N CYS F 172 8.50 -26.70 -17.60
CA CYS F 172 9.09 -27.17 -18.84
C CYS F 172 9.44 -28.63 -18.73
N PRO F 173 9.01 -29.47 -19.69
CA PRO F 173 9.30 -30.91 -19.71
C PRO F 173 10.79 -31.21 -19.76
#